data_3EJ7
#
_entry.id   3EJ7
#
_cell.length_a   60.249
_cell.length_b   83.625
_cell.length_c   124.063
_cell.angle_alpha   90.00
_cell.angle_beta   90.00
_cell.angle_gamma   90.00
#
_symmetry.space_group_name_H-M   'P 21 21 21'
#
loop_
_entity.id
_entity.type
_entity.pdbx_description
1 polymer 'Alpha-subunit of trans-3-chloroacrylic acid dehalogenase'
2 polymer 'Beta-subunit of trans-3-chloroacrylic acid dehalogenase'
3 non-polymer 'SULFATE ION'
4 water water
#
loop_
_entity_poly.entity_id
_entity_poly.type
_entity_poly.pdbx_seq_one_letter_code
_entity_poly.pdbx_strand_id
1 'polypeptide(L)' MPMISCDMAYGRTDEQKRALSAGLLRVISEATGEPRENIFFVIREGSGINFVEHGEHLPDYVPGNANDKALIAKLK A,C,E,G,I,K
2 'polypeptide(L)' PFIECHIATGLSVARKQQLIRDVIDVTNKSIGSDPKIINVLLVEHAEANMSISGRIHGEAASTERTPAVS B,D,F,H,J,L
#
loop_
_chem_comp.id
_chem_comp.type
_chem_comp.name
_chem_comp.formula
SO4 non-polymer 'SULFATE ION' 'O4 S -2'
#
# COMPACT_ATOMS: atom_id res chain seq x y z
N PRO A 2 19.39 3.18 -2.08
CA PRO A 2 18.52 4.06 -2.83
C PRO A 2 18.93 4.05 -4.30
N MET A 3 17.96 4.32 -5.16
CA MET A 3 18.27 4.54 -6.57
C MET A 3 17.64 5.85 -6.99
N ILE A 4 18.46 6.69 -7.59
CA ILE A 4 18.01 8.02 -8.05
C ILE A 4 18.22 8.15 -9.57
N SER A 5 17.23 8.73 -10.26
CA SER A 5 17.36 9.07 -11.69
C SER A 5 17.01 10.54 -11.91
N CYS A 6 17.66 11.15 -12.90
CA CYS A 6 17.34 12.48 -13.32
C CYS A 6 17.23 12.50 -14.84
N ASP A 7 16.02 12.79 -15.34
CA ASP A 7 15.80 13.03 -16.78
C ASP A 7 15.82 14.54 -17.02
N MET A 8 16.71 14.97 -17.91
CA MET A 8 16.91 16.40 -18.11
C MET A 8 17.45 16.71 -19.50
N ALA A 9 17.25 17.96 -19.92
CA ALA A 9 17.70 18.47 -21.21
C ALA A 9 19.21 18.29 -21.33
N TYR A 10 19.64 17.80 -22.50
CA TYR A 10 21.07 17.74 -22.82
C TYR A 10 21.71 19.15 -22.79
N GLY A 11 22.97 19.27 -22.35
CA GLY A 11 23.65 20.57 -22.35
CA GLY A 11 23.65 20.57 -22.35
C GLY A 11 24.45 20.90 -21.10
N ARG A 12 24.22 20.18 -20.00
CA ARG A 12 25.00 20.42 -18.78
CA ARG A 12 24.98 20.38 -18.76
C ARG A 12 26.41 19.86 -18.92
N THR A 13 27.39 20.59 -18.38
CA THR A 13 28.80 20.16 -18.38
C THR A 13 29.07 18.98 -17.43
N ASP A 14 30.19 18.28 -17.63
CA ASP A 14 30.56 17.19 -16.72
C ASP A 14 30.72 17.76 -15.30
N GLU A 15 31.28 18.97 -15.17
CA GLU A 15 31.39 19.59 -13.85
C GLU A 15 30.05 19.82 -13.17
N GLN A 16 29.06 20.27 -13.94
CA GLN A 16 27.72 20.49 -13.37
C GLN A 16 27.11 19.18 -12.95
N LYS A 17 27.38 18.12 -13.70
CA LYS A 17 26.82 16.82 -13.38
C LYS A 17 27.42 16.28 -12.10
N ARG A 18 28.71 16.54 -11.89
CA ARG A 18 29.41 16.13 -10.66
CA ARG A 18 29.40 16.13 -10.68
C ARG A 18 28.88 16.88 -9.44
N ALA A 19 28.52 18.15 -9.62
CA ALA A 19 27.93 18.96 -8.56
C ALA A 19 26.55 18.40 -8.21
N LEU A 20 25.76 18.13 -9.25
CA LEU A 20 24.43 17.54 -9.12
C LEU A 20 24.45 16.24 -8.30
N SER A 21 25.33 15.32 -8.69
CA SER A 21 25.47 14.06 -7.99
C SER A 21 25.99 14.20 -6.53
N ALA A 22 26.93 15.12 -6.30
CA ALA A 22 27.48 15.36 -4.95
C ALA A 22 26.38 15.89 -4.02
N GLY A 23 25.55 16.80 -4.52
CA GLY A 23 24.42 17.32 -3.76
C GLY A 23 23.33 16.29 -3.49
N LEU A 24 22.91 15.59 -4.54
CA LEU A 24 21.85 14.56 -4.41
C LEU A 24 22.32 13.41 -3.51
N LEU A 25 23.56 12.95 -3.67
CA LEU A 25 24.11 11.88 -2.83
C LEU A 25 24.14 12.28 -1.36
N ARG A 26 24.53 13.52 -1.10
CA ARG A 26 24.59 14.02 0.27
C ARG A 26 23.19 14.05 0.87
N VAL A 27 22.24 14.65 0.16
CA VAL A 27 20.91 14.83 0.75
C VAL A 27 20.14 13.54 0.95
N ILE A 28 20.21 12.63 -0.01
CA ILE A 28 19.60 11.30 0.10
C ILE A 28 20.29 10.51 1.20
N SER A 29 21.61 10.55 1.22
CA SER A 29 22.37 9.89 2.28
C SER A 29 22.01 10.38 3.68
N GLU A 30 21.88 11.69 3.84
CA GLU A 30 21.57 12.25 5.15
C GLU A 30 20.13 11.96 5.58
N ALA A 31 19.20 11.94 4.62
CA ALA A 31 17.79 11.66 4.93
C ALA A 31 17.52 10.19 5.22
N THR A 32 18.11 9.30 4.44
CA THR A 32 17.85 7.85 4.60
C THR A 32 18.79 7.25 5.63
N GLY A 33 19.93 7.90 5.84
CA GLY A 33 20.97 7.38 6.69
C GLY A 33 21.86 6.35 6.01
N GLU A 34 21.67 6.12 4.72
CA GLU A 34 22.45 5.13 3.98
C GLU A 34 23.79 5.74 3.51
N PRO A 35 24.89 4.94 3.53
CA PRO A 35 26.16 5.50 3.05
C PRO A 35 26.12 5.85 1.57
N ARG A 36 26.85 6.89 1.18
CA ARG A 36 26.85 7.36 -0.21
C ARG A 36 27.07 6.22 -1.21
N GLU A 37 27.91 5.24 -0.85
CA GLU A 37 28.18 4.06 -1.70
C GLU A 37 26.94 3.21 -1.99
N ASN A 38 25.89 3.39 -1.18
CA ASN A 38 24.64 2.63 -1.31
C ASN A 38 23.57 3.31 -2.20
N ILE A 39 23.92 4.47 -2.76
CA ILE A 39 22.98 5.25 -3.55
C ILE A 39 23.42 5.26 -5.01
N PHE A 40 22.66 4.59 -5.89
CA PHE A 40 22.90 4.60 -7.32
C PHE A 40 22.29 5.85 -7.98
N PHE A 41 23.01 6.45 -8.93
CA PHE A 41 22.46 7.61 -9.65
C PHE A 41 22.69 7.44 -11.17
N VAL A 42 21.63 7.69 -11.96
CA VAL A 42 21.72 7.76 -13.42
C VAL A 42 21.11 9.09 -13.93
N ILE A 43 21.84 9.77 -14.82
CA ILE A 43 21.34 10.90 -15.61
C ILE A 43 20.95 10.46 -17.01
N ARG A 44 19.72 10.77 -17.42
CA ARG A 44 19.26 10.49 -18.79
C ARG A 44 18.99 11.85 -19.46
N GLU A 45 19.65 12.06 -20.60
CA GLU A 45 19.54 13.32 -21.34
C GLU A 45 18.90 13.13 -22.69
N GLY A 46 18.36 14.22 -23.22
CA GLY A 46 17.66 14.23 -24.49
C GLY A 46 17.58 15.66 -24.99
N SER A 47 17.23 15.82 -26.26
CA SER A 47 17.01 17.14 -26.85
C SER A 47 15.64 17.69 -26.46
N GLY A 48 15.40 18.96 -26.77
CA GLY A 48 14.19 19.67 -26.30
C GLY A 48 12.87 19.10 -26.78
N ILE A 49 12.81 18.64 -28.04
CA ILE A 49 11.61 17.98 -28.55
C ILE A 49 11.14 16.80 -27.68
N ASN A 50 12.05 16.27 -26.87
CA ASN A 50 11.76 15.09 -26.04
C ASN A 50 11.26 15.41 -24.62
N PHE A 51 11.18 16.72 -24.33
CA PHE A 51 10.75 17.24 -23.02
C PHE A 51 9.61 18.24 -23.13
N VAL A 52 8.69 18.14 -22.18
CA VAL A 52 7.62 19.11 -22.01
C VAL A 52 7.68 19.38 -20.49
N GLU A 53 8.22 20.56 -20.13
CA GLU A 53 8.41 21.01 -18.73
C GLU A 53 7.71 22.35 -18.55
N HIS A 54 7.19 22.60 -17.36
CA HIS A 54 6.50 23.87 -17.13
C HIS A 54 6.84 24.50 -15.78
N PRO B 1 6.16 0.49 -27.71
CA PRO B 1 6.64 1.49 -26.76
C PRO B 1 6.10 1.29 -25.35
N PHE B 2 6.72 1.98 -24.40
CA PHE B 2 6.36 1.85 -23.00
C PHE B 2 6.07 3.21 -22.43
N ILE B 3 4.82 3.42 -22.04
CA ILE B 3 4.42 4.67 -21.40
C ILE B 3 4.16 4.41 -19.91
N GLU B 4 4.83 5.17 -19.06
CA GLU B 4 4.68 5.06 -17.63
C GLU B 4 4.15 6.40 -17.13
N CYS B 5 3.03 6.35 -16.40
CA CYS B 5 2.32 7.55 -15.96
CA CYS B 5 2.37 7.54 -15.96
C CYS B 5 2.23 7.54 -14.45
N HIS B 6 2.68 8.63 -13.83
CA HIS B 6 2.65 8.77 -12.37
C HIS B 6 1.63 9.83 -12.05
N ILE B 7 0.58 9.45 -11.32
CA ILE B 7 -0.49 10.36 -10.94
C ILE B 7 -0.75 10.29 -9.45
N ALA B 8 -1.51 11.25 -8.93
CA ALA B 8 -1.93 11.19 -7.54
C ALA B 8 -2.99 10.13 -7.36
N THR B 9 -2.97 9.48 -6.22
CA THR B 9 -4.09 8.67 -5.77
C THR B 9 -5.43 9.46 -5.77
N GLY B 10 -6.54 8.79 -5.99
CA GLY B 10 -7.84 9.45 -5.86
C GLY B 10 -8.86 9.16 -6.95
N LEU B 11 -8.41 8.59 -8.07
CA LEU B 11 -9.32 8.25 -9.16
C LEU B 11 -9.95 6.91 -8.87
N SER B 12 -11.16 6.72 -9.39
CA SER B 12 -11.85 5.44 -9.33
C SER B 12 -11.14 4.44 -10.23
N VAL B 13 -11.41 3.15 -10.02
CA VAL B 13 -10.86 2.11 -10.91
C VAL B 13 -11.39 2.28 -12.36
N ALA B 14 -12.67 2.61 -12.50
CA ALA B 14 -13.24 2.85 -13.84
C ALA B 14 -12.49 3.95 -14.61
N ARG B 15 -12.32 5.08 -13.96
CA ARG B 15 -11.61 6.23 -14.52
C ARG B 15 -10.19 5.89 -14.95
N LYS B 16 -9.49 5.16 -14.10
CA LYS B 16 -8.10 4.76 -14.40
C LYS B 16 -8.03 3.83 -15.59
N GLN B 17 -8.99 2.89 -15.70
CA GLN B 17 -9.03 1.97 -16.85
C GLN B 17 -9.36 2.74 -18.16
N GLN B 18 -10.21 3.75 -18.04
CA GLN B 18 -10.49 4.63 -19.18
C GLN B 18 -9.24 5.44 -19.57
N LEU B 19 -8.51 5.90 -18.58
CA LEU B 19 -7.23 6.61 -18.81
C LEU B 19 -6.25 5.74 -19.62
N ILE B 20 -6.13 4.48 -19.23
CA ILE B 20 -5.17 3.57 -19.88
C ILE B 20 -5.59 3.36 -21.31
N ARG B 21 -6.86 3.04 -21.50
CA ARG B 21 -7.48 2.92 -22.82
C ARG B 21 -7.20 4.15 -23.69
N ASP B 22 -7.35 5.34 -23.11
CA ASP B 22 -7.14 6.58 -23.89
C ASP B 22 -5.67 6.90 -24.20
N VAL B 23 -4.78 6.54 -23.27
CA VAL B 23 -3.34 6.60 -23.55
C VAL B 23 -2.99 5.72 -24.77
N ILE B 24 -3.51 4.49 -24.77
CA ILE B 24 -3.24 3.55 -25.84
C ILE B 24 -3.75 4.15 -27.14
N ASP B 25 -4.98 4.66 -27.11
CA ASP B 25 -5.58 5.32 -28.30
C ASP B 25 -4.70 6.45 -28.84
N VAL B 26 -4.34 7.42 -28.00
CA VAL B 26 -3.56 8.59 -28.46
C VAL B 26 -2.15 8.27 -28.96
N THR B 27 -1.52 7.28 -28.33
CA THR B 27 -0.19 6.79 -28.75
C THR B 27 -0.30 6.19 -30.14
N ASN B 28 -1.28 5.31 -30.31
CA ASN B 28 -1.61 4.77 -31.63
C ASN B 28 -1.84 5.85 -32.70
N LYS B 29 -2.59 6.89 -32.36
CA LYS B 29 -2.97 7.88 -33.37
C LYS B 29 -1.86 8.88 -33.71
N SER B 30 -0.94 9.14 -32.79
CA SER B 30 0.08 10.12 -33.10
C SER B 30 1.42 9.55 -33.54
N ILE B 31 1.90 8.48 -32.90
CA ILE B 31 3.17 7.89 -33.38
C ILE B 31 2.97 6.64 -34.24
N GLY B 32 1.75 6.11 -34.24
CA GLY B 32 1.32 5.10 -35.20
C GLY B 32 1.52 3.67 -34.74
N SER B 33 1.82 3.50 -33.46
CA SER B 33 2.12 2.18 -32.91
C SER B 33 0.83 1.38 -32.85
N ASP B 34 0.89 0.11 -33.24
CA ASP B 34 -0.26 -0.78 -33.11
C ASP B 34 -0.57 -0.95 -31.63
N PRO B 35 -1.87 -0.90 -31.25
CA PRO B 35 -2.22 -1.23 -29.88
C PRO B 35 -1.49 -2.49 -29.37
N LYS B 36 -1.37 -3.53 -30.21
CA LYS B 36 -0.65 -4.76 -29.81
C LYS B 36 0.79 -4.57 -29.27
N ILE B 37 1.42 -3.44 -29.58
CA ILE B 37 2.81 -3.22 -29.16
C ILE B 37 2.94 -2.09 -28.13
N ILE B 38 1.79 -1.57 -27.69
CA ILE B 38 1.81 -0.47 -26.73
C ILE B 38 1.67 -1.02 -25.32
N ASN B 39 2.59 -0.62 -24.44
CA ASN B 39 2.55 -1.01 -23.04
C ASN B 39 2.36 0.22 -22.15
N VAL B 40 1.42 0.15 -21.21
CA VAL B 40 1.14 1.28 -20.33
C VAL B 40 1.22 0.84 -18.83
N LEU B 41 1.87 1.65 -18.00
CA LEU B 41 1.95 1.44 -16.57
C LEU B 41 1.50 2.71 -15.85
N LEU B 42 0.47 2.56 -15.03
CA LEU B 42 -0.10 3.65 -14.26
C LEU B 42 0.23 3.41 -12.79
N VAL B 43 0.85 4.40 -12.18
CA VAL B 43 1.31 4.27 -10.84
C VAL B 43 0.73 5.45 -10.09
N GLU B 44 0.08 5.19 -8.94
CA GLU B 44 -0.48 6.24 -8.10
C GLU B 44 0.37 6.49 -6.88
N HIS B 45 0.47 7.77 -6.49
CA HIS B 45 1.25 8.18 -5.34
C HIS B 45 0.49 9.14 -4.44
N ALA B 46 0.91 9.22 -3.17
CA ALA B 46 0.35 10.24 -2.27
C ALA B 46 0.91 11.56 -2.73
N GLU B 47 0.09 12.61 -2.61
CA GLU B 47 0.48 13.95 -2.96
C GLU B 47 1.74 14.39 -2.27
N ALA B 48 1.92 13.97 -1.02
CA ALA B 48 3.13 14.33 -0.27
C ALA B 48 4.42 13.79 -0.91
N ASN B 49 4.32 12.71 -1.68
CA ASN B 49 5.51 12.11 -2.35
C ASN B 49 5.93 12.72 -3.68
N MET B 50 5.18 13.73 -4.14
CA MET B 50 5.42 14.38 -5.45
C MET B 50 5.64 15.87 -5.27
N SER B 51 6.58 16.42 -6.02
CA SER B 51 6.76 17.86 -6.14
C SER B 51 6.58 18.19 -7.60
N ILE B 52 5.51 18.92 -7.93
CA ILE B 52 5.33 19.50 -9.26
C ILE B 52 5.90 20.92 -9.27
N SER B 53 6.81 21.21 -10.21
CA SER B 53 7.36 22.56 -10.35
C SER B 53 7.90 23.18 -9.04
N GLY B 54 8.71 22.41 -8.31
CA GLY B 54 9.35 22.87 -7.09
C GLY B 54 8.42 23.14 -5.92
N ARG B 55 7.15 22.74 -6.04
CA ARG B 55 6.15 22.99 -5.01
C ARG B 55 6.09 21.85 -4.02
N ILE B 56 5.91 22.20 -2.77
CA ILE B 56 5.75 21.21 -1.72
C ILE B 56 4.28 21.16 -1.34
N HIS B 57 3.70 19.98 -1.42
CA HIS B 57 2.29 19.76 -1.10
C HIS B 57 1.92 20.20 0.32
N PRO C 2 4.60 -7.86 -17.60
CA PRO C 2 5.64 -7.21 -16.79
C PRO C 2 6.46 -6.22 -17.62
N MET C 3 7.10 -5.26 -16.98
CA MET C 3 7.98 -4.32 -17.71
C MET C 3 9.30 -4.19 -16.97
N ILE C 4 10.40 -4.35 -17.72
CA ILE C 4 11.75 -4.37 -17.16
CA ILE C 4 11.73 -4.36 -17.14
C ILE C 4 12.60 -3.35 -17.87
N SER C 5 13.43 -2.65 -17.12
CA SER C 5 14.37 -1.73 -17.75
C SER C 5 15.76 -1.98 -17.16
N CYS C 6 16.77 -1.73 -18.00
CA CYS C 6 18.15 -1.81 -17.57
C CYS C 6 18.86 -0.51 -17.99
N ASP C 7 19.29 0.27 -17.01
CA ASP C 7 20.09 1.45 -17.29
C ASP C 7 21.55 1.00 -17.12
N MET C 8 22.32 1.09 -18.20
CA MET C 8 23.75 0.66 -18.10
C MET C 8 24.67 1.46 -19.02
N ALA C 9 25.97 1.37 -18.76
CA ALA C 9 26.93 2.11 -19.56
C ALA C 9 26.91 1.57 -20.98
N TYR C 10 27.06 2.47 -21.96
CA TYR C 10 27.32 2.15 -23.38
C TYR C 10 28.47 1.17 -23.49
N GLY C 11 28.48 0.39 -24.56
CA GLY C 11 29.63 -0.44 -24.85
C GLY C 11 29.32 -1.92 -25.00
N ARG C 12 28.16 -2.35 -24.52
CA ARG C 12 27.76 -3.76 -24.69
C ARG C 12 27.43 -4.08 -26.14
N THR C 13 27.86 -5.27 -26.59
CA THR C 13 27.58 -5.73 -27.94
C THR C 13 26.12 -6.18 -28.03
N ASP C 14 25.60 -6.30 -29.25
CA ASP C 14 24.24 -6.83 -29.47
C ASP C 14 24.12 -8.27 -28.95
N GLU C 15 25.21 -9.03 -29.07
CA GLU C 15 25.25 -10.40 -28.55
C GLU C 15 25.07 -10.41 -27.01
N GLN C 16 25.76 -9.49 -26.32
CA GLN C 16 25.60 -9.37 -24.86
C GLN C 16 24.19 -8.97 -24.47
N LYS C 17 23.61 -8.03 -25.25
CA LYS C 17 22.26 -7.55 -24.99
C LYS C 17 21.24 -8.64 -25.19
N ARG C 18 21.45 -9.48 -26.20
CA ARG C 18 20.64 -10.69 -26.41
C ARG C 18 20.77 -11.72 -25.28
N ALA C 19 21.99 -11.98 -24.81
CA ALA C 19 22.20 -12.83 -23.63
C ALA C 19 21.45 -12.32 -22.37
N LEU C 20 21.62 -11.02 -22.08
CA LEU C 20 20.97 -10.32 -20.99
C LEU C 20 19.44 -10.44 -21.06
N SER C 21 18.86 -10.25 -22.24
CA SER C 21 17.39 -10.26 -22.37
C SER C 21 16.86 -11.66 -22.23
N ALA C 22 17.51 -12.62 -22.89
CA ALA C 22 17.14 -14.03 -22.76
C ALA C 22 17.17 -14.46 -21.28
N GLY C 23 18.21 -14.09 -20.55
CA GLY C 23 18.33 -14.46 -19.14
C GLY C 23 17.25 -13.82 -18.25
N LEU C 24 17.03 -12.51 -18.40
CA LEU C 24 16.01 -11.78 -17.64
C LEU C 24 14.62 -12.30 -17.97
N LEU C 25 14.32 -12.47 -19.25
CA LEU C 25 12.99 -12.93 -19.61
C LEU C 25 12.74 -14.33 -19.08
N ARG C 26 13.76 -15.18 -19.09
CA ARG C 26 13.59 -16.53 -18.54
C ARG C 26 13.30 -16.49 -17.04
N VAL C 27 14.08 -15.71 -16.28
CA VAL C 27 13.93 -15.68 -14.82
C VAL C 27 12.62 -15.01 -14.42
N ILE C 28 12.25 -13.92 -15.11
CA ILE C 28 11.02 -13.20 -14.75
C ILE C 28 9.79 -14.01 -15.08
N SER C 29 9.81 -14.63 -16.27
CA SER C 29 8.76 -15.52 -16.74
C SER C 29 8.58 -16.68 -15.77
N GLU C 30 9.68 -17.29 -15.33
CA GLU C 30 9.62 -18.41 -14.40
C GLU C 30 9.11 -17.99 -13.00
N ALA C 31 9.53 -16.81 -12.51
CA ALA C 31 9.14 -16.30 -11.18
C ALA C 31 7.68 -15.85 -11.15
N THR C 32 7.30 -15.24 -12.26
CA THR C 32 6.07 -14.51 -12.43
C THR C 32 4.93 -15.39 -12.97
N GLY C 33 5.29 -16.44 -13.68
CA GLY C 33 4.29 -17.25 -14.39
C GLY C 33 3.72 -16.63 -15.67
N GLU C 34 4.26 -15.48 -16.08
CA GLU C 34 3.84 -14.81 -17.33
C GLU C 34 4.66 -15.31 -18.51
N PRO C 35 4.02 -15.47 -19.69
CA PRO C 35 4.82 -15.89 -20.84
C PRO C 35 5.90 -14.85 -21.22
N ARG C 36 6.98 -15.31 -21.84
CA ARG C 36 8.03 -14.40 -22.27
C ARG C 36 7.52 -13.26 -23.16
N GLU C 37 6.52 -13.54 -23.99
CA GLU C 37 5.96 -12.51 -24.88
C GLU C 37 5.25 -11.37 -24.16
N ASN C 38 5.05 -11.53 -22.85
CA ASN C 38 4.34 -10.53 -22.02
C ASN C 38 5.26 -9.65 -21.20
N ILE C 39 6.56 -9.84 -21.43
CA ILE C 39 7.59 -9.17 -20.68
C ILE C 39 8.30 -8.17 -21.60
N PHE C 40 7.99 -6.90 -21.42
CA PHE C 40 8.62 -5.87 -22.24
C PHE C 40 9.93 -5.50 -21.55
N PHE C 41 10.98 -5.33 -22.36
CA PHE C 41 12.31 -4.99 -21.83
C PHE C 41 12.89 -3.85 -22.64
N VAL C 42 13.34 -2.83 -21.93
CA VAL C 42 14.10 -1.75 -22.53
C VAL C 42 15.49 -1.61 -21.89
N ILE C 43 16.51 -1.42 -22.74
CA ILE C 43 17.84 -1.09 -22.28
C ILE C 43 18.07 0.38 -22.57
N ARG C 44 18.54 1.10 -21.55
CA ARG C 44 18.89 2.51 -21.68
C ARG C 44 20.38 2.68 -21.41
N GLU C 45 21.09 3.25 -22.37
CA GLU C 45 22.54 3.38 -22.29
C GLU C 45 22.94 4.84 -22.05
N GLY C 46 24.03 5.06 -21.32
CA GLY C 46 24.57 6.41 -21.13
C GLY C 46 26.08 6.37 -21.08
N SER C 47 26.72 7.53 -21.16
CA SER C 47 28.15 7.59 -21.00
C SER C 47 28.52 7.58 -19.51
N GLY C 48 29.80 7.32 -19.24
CA GLY C 48 30.28 7.16 -17.87
C GLY C 48 29.93 8.27 -16.91
N ILE C 49 30.08 9.52 -17.36
CA ILE C 49 29.77 10.66 -16.49
C ILE C 49 28.29 10.62 -16.01
N ASN C 50 27.41 9.95 -16.76
CA ASN C 50 25.99 9.86 -16.41
C ASN C 50 25.61 8.81 -15.34
N PHE C 51 26.61 8.09 -14.84
CA PHE C 51 26.38 7.04 -13.81
C PHE C 51 27.24 7.27 -12.58
N VAL C 52 26.65 7.05 -11.41
CA VAL C 52 27.39 7.12 -10.17
C VAL C 52 27.12 5.80 -9.43
N GLU C 53 28.18 5.00 -9.26
CA GLU C 53 28.10 3.65 -8.70
C GLU C 53 29.16 3.53 -7.64
N HIS C 54 28.74 3.09 -6.44
CA HIS C 54 29.67 3.00 -5.31
C HIS C 54 30.35 4.37 -5.11
N GLY C 55 29.58 5.45 -5.24
CA GLY C 55 30.04 6.80 -4.89
C GLY C 55 30.86 7.57 -5.91
N GLU C 56 30.97 7.00 -7.16
CA GLU C 56 31.83 7.65 -8.14
C GLU C 56 31.27 7.56 -9.55
N HIS C 57 31.47 8.64 -10.31
CA HIS C 57 31.11 8.67 -11.72
C HIS C 57 31.98 7.66 -12.45
N LEU C 58 31.42 7.00 -13.46
CA LEU C 58 32.14 5.96 -14.18
C LEU C 58 33.06 6.60 -15.22
N PRO C 59 34.21 5.97 -15.49
CA PRO C 59 34.97 6.35 -16.69
C PRO C 59 34.40 5.68 -17.95
N ASP C 60 34.86 6.12 -19.12
CA ASP C 60 34.48 5.46 -20.37
C ASP C 60 35.65 4.61 -20.88
N PRO D 1 13.79 19.42 -15.07
CA PRO D 1 14.22 18.05 -14.90
C PRO D 1 13.17 17.20 -14.15
N PHE D 2 13.34 15.88 -14.17
CA PHE D 2 12.49 15.00 -13.35
C PHE D 2 13.43 14.09 -12.57
N ILE D 3 13.41 14.23 -11.24
CA ILE D 3 14.26 13.42 -10.35
C ILE D 3 13.33 12.39 -9.68
N GLU D 4 13.62 11.12 -9.89
CA GLU D 4 12.81 10.08 -9.25
C GLU D 4 13.73 9.38 -8.25
N CYS D 5 13.32 9.35 -6.98
CA CYS D 5 14.12 8.73 -5.90
C CYS D 5 13.42 7.50 -5.31
N HIS D 6 14.10 6.38 -5.40
CA HIS D 6 13.61 5.16 -4.78
C HIS D 6 14.33 4.94 -3.47
N ILE D 7 13.61 5.03 -2.33
CA ILE D 7 14.16 4.81 -0.99
C ILE D 7 13.37 3.70 -0.23
N ALA D 8 13.95 3.20 0.86
CA ALA D 8 13.23 2.24 1.71
C ALA D 8 12.18 2.97 2.49
N THR D 9 11.05 2.30 2.75
CA THR D 9 10.02 2.87 3.61
CA THR D 9 10.02 2.86 3.64
C THR D 9 10.61 3.04 5.00
N GLY D 10 10.04 3.95 5.78
CA GLY D 10 10.52 4.13 7.14
C GLY D 10 10.70 5.57 7.57
N LEU D 11 10.76 6.51 6.61
CA LEU D 11 10.94 7.92 7.02
C LEU D 11 9.62 8.56 7.43
N SER D 12 9.69 9.54 8.32
CA SER D 12 8.53 10.36 8.68
C SER D 12 8.10 11.23 7.47
N VAL D 13 6.87 11.70 7.49
CA VAL D 13 6.33 12.59 6.45
C VAL D 13 7.17 13.88 6.42
N ALA D 14 7.52 14.35 7.62
CA ALA D 14 8.34 15.54 7.79
C ALA D 14 9.73 15.38 7.16
N ARG D 15 10.28 14.16 7.27
CA ARG D 15 11.65 13.88 6.78
C ARG D 15 11.65 13.78 5.28
N LYS D 16 10.62 13.14 4.74
CA LYS D 16 10.50 13.05 3.30
C LYS D 16 10.23 14.40 2.66
N GLN D 17 9.41 15.21 3.30
CA GLN D 17 9.16 16.58 2.80
C GLN D 17 10.45 17.43 2.75
N GLN D 18 11.25 17.36 3.83
CA GLN D 18 12.56 18.00 3.81
C GLN D 18 13.48 17.47 2.71
N LEU D 19 13.44 16.16 2.48
CA LEU D 19 14.23 15.52 1.43
C LEU D 19 13.86 16.06 0.04
N ILE D 20 12.57 16.23 -0.22
CA ILE D 20 12.10 16.79 -1.49
C ILE D 20 12.55 18.27 -1.60
N ARG D 21 12.47 19.02 -0.51
CA ARG D 21 12.96 20.40 -0.47
C ARG D 21 14.45 20.48 -0.80
N ASP D 22 15.22 19.58 -0.17
CA ASP D 22 16.67 19.49 -0.37
C ASP D 22 17.06 19.06 -1.83
N VAL D 23 16.33 18.08 -2.41
CA VAL D 23 16.50 17.67 -3.84
C VAL D 23 16.29 18.84 -4.79
N ILE D 24 15.23 19.61 -4.57
CA ILE D 24 14.94 20.79 -5.40
C ILE D 24 16.06 21.80 -5.32
N ASP D 25 16.48 22.16 -4.09
CA ASP D 25 17.55 23.13 -3.87
C ASP D 25 18.85 22.71 -4.56
N VAL D 26 19.27 21.47 -4.31
CA VAL D 26 20.46 20.91 -4.94
C VAL D 26 20.42 20.97 -6.47
N THR D 27 19.28 20.69 -7.04
CA THR D 27 19.14 20.64 -8.50
C THR D 27 19.28 22.03 -9.05
N ASN D 28 18.59 22.99 -8.41
CA ASN D 28 18.68 24.38 -8.79
C ASN D 28 20.11 24.97 -8.69
N LYS D 29 20.81 24.65 -7.60
CA LYS D 29 22.17 25.15 -7.36
C LYS D 29 23.23 24.61 -8.32
N SER D 30 23.09 23.35 -8.69
CA SER D 30 24.14 22.63 -9.39
C SER D 30 24.04 22.74 -10.92
N ILE D 31 22.81 22.67 -11.44
CA ILE D 31 22.60 22.68 -12.89
C ILE D 31 21.80 23.90 -13.39
N GLY D 32 21.35 24.72 -12.44
CA GLY D 32 20.78 26.05 -12.73
C GLY D 32 19.31 26.07 -13.11
N SER D 33 18.64 24.94 -12.96
CA SER D 33 17.21 24.82 -13.30
C SER D 33 16.28 25.69 -12.42
N ASP D 34 15.38 26.43 -13.05
CA ASP D 34 14.34 27.13 -12.30
C ASP D 34 13.49 26.10 -11.56
N PRO D 35 13.29 26.28 -10.24
CA PRO D 35 12.42 25.39 -9.48
C PRO D 35 11.08 25.13 -10.17
N LYS D 36 10.66 26.06 -11.02
CA LYS D 36 9.42 25.90 -11.79
C LYS D 36 9.45 24.75 -12.80
N ILE D 37 10.64 24.35 -13.25
CA ILE D 37 10.76 23.17 -14.15
C ILE D 37 11.32 21.94 -13.43
N ILE D 38 11.51 22.01 -12.10
CA ILE D 38 12.04 20.85 -11.30
C ILE D 38 10.89 19.99 -10.76
N ASN D 39 10.88 18.73 -11.14
CA ASN D 39 9.81 17.80 -10.71
C ASN D 39 10.43 16.64 -9.97
N VAL D 40 9.83 16.28 -8.83
CA VAL D 40 10.43 15.28 -7.94
C VAL D 40 9.36 14.19 -7.60
N LEU D 41 9.78 12.95 -7.72
CA LEU D 41 8.96 11.82 -7.31
C LEU D 41 9.72 10.96 -6.30
N LEU D 42 9.16 10.85 -5.09
CA LEU D 42 9.74 10.01 -4.06
C LEU D 42 8.93 8.73 -3.93
N VAL D 43 9.57 7.59 -4.15
CA VAL D 43 8.88 6.30 -4.10
C VAL D 43 9.50 5.46 -2.97
N GLU D 44 8.67 4.95 -2.05
CA GLU D 44 9.18 4.11 -0.96
C GLU D 44 8.89 2.63 -1.23
N HIS D 45 9.84 1.79 -0.85
CA HIS D 45 9.76 0.36 -1.04
C HIS D 45 10.10 -0.43 0.22
N ALA D 46 9.50 -1.61 0.34
CA ALA D 46 9.95 -2.58 1.33
C ALA D 46 11.38 -2.99 1.01
N GLU D 47 12.18 -3.19 2.05
CA GLU D 47 13.58 -3.56 1.91
C GLU D 47 13.77 -4.86 1.14
N ALA D 48 12.80 -5.77 1.24
CA ALA D 48 12.83 -7.04 0.51
C ALA D 48 12.77 -6.87 -1.00
N ASN D 49 12.18 -5.77 -1.45
CA ASN D 49 12.02 -5.47 -2.89
C ASN D 49 13.19 -4.77 -3.55
N MET D 50 14.25 -4.52 -2.79
CA MET D 50 15.38 -3.76 -3.28
C MET D 50 16.65 -4.55 -3.01
N SER D 51 17.62 -4.40 -3.89
CA SER D 51 18.97 -4.85 -3.55
C SER D 51 19.92 -3.75 -3.94
N ILE D 52 20.74 -3.32 -2.99
CA ILE D 52 21.85 -2.39 -3.26
C ILE D 52 23.19 -3.09 -3.01
N SER D 53 24.12 -2.90 -3.94
CA SER D 53 25.39 -3.60 -3.88
C SER D 53 25.17 -5.12 -3.84
N GLY D 54 24.26 -5.59 -4.70
CA GLY D 54 23.97 -7.01 -4.86
C GLY D 54 23.41 -7.71 -3.62
N ARG D 55 23.27 -6.95 -2.54
CA ARG D 55 22.83 -7.49 -1.27
C ARG D 55 21.33 -7.77 -1.26
N ILE D 56 20.99 -8.99 -0.82
CA ILE D 56 19.60 -9.38 -0.55
C ILE D 56 19.29 -9.04 0.89
N HIS D 57 18.21 -8.26 1.08
CA HIS D 57 17.89 -7.71 2.40
C HIS D 57 17.94 -8.75 3.51
N PRO E 2 1.64 15.46 -12.17
CA PRO E 2 1.89 14.14 -12.74
C PRO E 2 3.19 14.11 -13.57
N MET E 3 3.69 12.90 -13.81
CA MET E 3 4.88 12.72 -14.66
C MET E 3 4.63 11.59 -15.62
N ILE E 4 4.96 11.80 -16.90
CA ILE E 4 4.71 10.81 -17.96
C ILE E 4 6.05 10.60 -18.66
N SER E 5 6.38 9.34 -18.96
CA SER E 5 7.54 9.05 -19.80
C SER E 5 7.13 8.07 -20.94
N CYS E 6 7.81 8.15 -22.06
CA CYS E 6 7.56 7.21 -23.13
C CYS E 6 8.90 6.73 -23.66
N ASP E 7 9.18 5.43 -23.49
CA ASP E 7 10.37 4.84 -24.05
C ASP E 7 10.01 4.28 -25.42
N MET E 8 10.71 4.70 -26.45
CA MET E 8 10.43 4.19 -27.80
C MET E 8 11.61 4.33 -28.73
N ALA E 9 11.50 3.64 -29.86
CA ALA E 9 12.53 3.64 -30.89
C ALA E 9 12.72 5.03 -31.48
N TYR E 10 13.94 5.29 -31.94
CA TYR E 10 14.24 6.47 -32.74
C TYR E 10 13.37 6.50 -33.99
N GLY E 11 13.14 7.69 -34.53
CA GLY E 11 12.56 7.78 -35.87
C GLY E 11 11.28 8.58 -35.99
N ARG E 12 10.63 8.88 -34.87
CA ARG E 12 9.44 9.73 -34.88
C ARG E 12 9.80 11.16 -35.26
N THR E 13 8.94 11.77 -36.09
CA THR E 13 9.15 13.15 -36.53
C THR E 13 8.85 14.11 -35.38
N ASP E 14 9.31 15.36 -35.50
CA ASP E 14 9.00 16.40 -34.51
C ASP E 14 7.48 16.61 -34.43
N GLU E 15 6.83 16.58 -35.59
CA GLU E 15 5.36 16.62 -35.68
C GLU E 15 4.71 15.49 -34.87
N GLN E 16 5.19 14.26 -35.01
CA GLN E 16 4.64 13.13 -34.25
C GLN E 16 4.84 13.24 -32.73
N LYS E 17 5.98 13.75 -32.30
CA LYS E 17 6.30 13.96 -30.89
C LYS E 17 5.48 15.09 -30.26
N ARG E 18 5.24 16.14 -31.03
CA ARG E 18 4.27 17.18 -30.64
C ARG E 18 2.86 16.63 -30.49
N ALA E 19 2.39 15.85 -31.46
CA ALA E 19 1.06 15.20 -31.34
C ALA E 19 0.98 14.30 -30.09
N LEU E 20 2.06 13.53 -29.84
CA LEU E 20 2.12 12.63 -28.72
C LEU E 20 2.02 13.35 -27.40
N SER E 21 2.87 14.37 -27.21
CA SER E 21 2.90 15.09 -25.95
C SER E 21 1.56 15.79 -25.73
N ALA E 22 1.03 16.44 -26.78
CA ALA E 22 -0.28 17.12 -26.70
C ALA E 22 -1.45 16.15 -26.34
N GLY E 23 -1.51 15.01 -27.06
CA GLY E 23 -2.51 13.94 -26.82
C GLY E 23 -2.41 13.38 -25.39
N LEU E 24 -1.18 13.06 -24.97
CA LEU E 24 -0.93 12.54 -23.61
C LEU E 24 -1.28 13.53 -22.49
N LEU E 25 -0.81 14.78 -22.60
CA LEU E 25 -1.10 15.81 -21.61
C LEU E 25 -2.60 16.08 -21.51
N ARG E 26 -3.28 16.06 -22.64
CA ARG E 26 -4.73 16.30 -22.68
C ARG E 26 -5.49 15.21 -21.91
N VAL E 27 -5.18 13.95 -22.20
CA VAL E 27 -5.91 12.88 -21.52
C VAL E 27 -5.59 12.76 -20.03
N ILE E 28 -4.32 12.98 -19.66
CA ILE E 28 -3.91 12.95 -18.24
C ILE E 28 -4.52 14.14 -17.48
N SER E 29 -4.46 15.33 -18.09
CA SER E 29 -5.14 16.51 -17.54
C SER E 29 -6.65 16.28 -17.33
N GLU E 30 -7.35 15.72 -18.31
CA GLU E 30 -8.79 15.48 -18.15
C GLU E 30 -9.08 14.42 -17.08
N ALA E 31 -8.26 13.36 -17.05
CA ALA E 31 -8.47 12.30 -16.08
C ALA E 31 -8.23 12.78 -14.64
N THR E 32 -7.18 13.58 -14.43
CA THR E 32 -6.72 13.92 -13.08
C THR E 32 -7.22 15.27 -12.53
N GLY E 33 -7.76 16.08 -13.43
CA GLY E 33 -8.20 17.44 -13.11
C GLY E 33 -7.04 18.41 -13.01
N GLU E 34 -5.84 17.93 -13.28
CA GLU E 34 -4.62 18.73 -13.16
C GLU E 34 -4.38 19.53 -14.45
N PRO E 35 -3.96 20.83 -14.33
CA PRO E 35 -3.64 21.58 -15.55
C PRO E 35 -2.47 20.94 -16.32
N ARG E 36 -2.43 21.13 -17.64
CA ARG E 36 -1.33 20.66 -18.48
C ARG E 36 0.05 21.03 -17.93
N GLU E 37 0.18 22.23 -17.38
CA GLU E 37 1.45 22.70 -16.82
C GLU E 37 1.88 21.92 -15.57
N ASN E 38 0.99 21.11 -15.01
CA ASN E 38 1.36 20.27 -13.87
C ASN E 38 1.81 18.87 -14.29
N ILE E 39 2.05 18.68 -15.59
CA ILE E 39 2.32 17.37 -16.13
C ILE E 39 3.66 17.38 -16.84
N PHE E 40 4.67 16.78 -16.22
CA PHE E 40 5.98 16.58 -16.88
C PHE E 40 5.89 15.44 -17.91
N PHE E 41 6.56 15.64 -19.05
CA PHE E 41 6.65 14.56 -20.04
C PHE E 41 8.06 14.43 -20.59
N VAL E 42 8.54 13.17 -20.71
CA VAL E 42 9.82 12.90 -21.35
C VAL E 42 9.70 11.73 -22.31
N ILE E 43 10.30 11.87 -23.50
CA ILE E 43 10.45 10.77 -24.45
C ILE E 43 11.91 10.32 -24.38
N ARG E 44 12.12 9.01 -24.27
CA ARG E 44 13.45 8.44 -24.14
C ARG E 44 13.59 7.51 -25.33
N GLU E 45 14.57 7.78 -26.19
CA GLU E 45 14.68 6.99 -27.42
C GLU E 45 15.86 6.03 -27.41
N GLY E 46 15.71 4.93 -28.16
CA GLY E 46 16.80 3.96 -28.28
C GLY E 46 16.75 3.24 -29.59
N SER E 47 17.83 2.54 -29.92
CA SER E 47 17.83 1.78 -31.15
C SER E 47 17.16 0.42 -30.95
N GLY E 48 16.85 -0.26 -32.06
CA GLY E 48 16.09 -1.51 -32.05
C GLY E 48 16.57 -2.61 -31.12
N ILE E 49 17.89 -2.85 -31.06
CA ILE E 49 18.47 -3.90 -30.18
C ILE E 49 18.09 -3.69 -28.69
N ASN E 50 17.88 -2.43 -28.30
CA ASN E 50 17.59 -2.06 -26.91
C ASN E 50 16.13 -2.24 -26.48
N PHE E 51 15.28 -2.69 -27.40
CA PHE E 51 13.88 -3.00 -27.11
C PHE E 51 13.58 -4.48 -27.41
N VAL E 52 12.89 -5.10 -26.46
CA VAL E 52 12.38 -6.47 -26.65
C VAL E 52 10.87 -6.37 -26.46
N GLU E 53 10.15 -6.67 -27.54
CA GLU E 53 8.68 -6.63 -27.58
C GLU E 53 8.17 -7.95 -28.14
N HIS E 54 7.15 -8.51 -27.51
CA HIS E 54 6.67 -9.86 -27.88
C HIS E 54 7.81 -10.87 -27.89
N GLY E 55 8.77 -10.66 -26.99
CA GLY E 55 9.85 -11.62 -26.80
C GLY E 55 10.97 -11.60 -27.82
N GLU E 56 11.00 -10.59 -28.70
CA GLU E 56 12.00 -10.47 -29.76
C GLU E 56 12.61 -9.08 -29.77
N HIS E 57 13.93 -8.99 -30.00
CA HIS E 57 14.55 -7.67 -30.13
C HIS E 57 14.02 -7.00 -31.39
N LEU E 58 13.91 -5.68 -31.37
CA LEU E 58 13.36 -4.94 -32.51
C LEU E 58 14.43 -4.71 -33.57
N PRO E 59 14.03 -4.63 -34.87
CA PRO E 59 14.95 -4.21 -35.92
C PRO E 59 15.33 -2.73 -35.80
N PRO F 1 24.95 -1.19 -12.94
CA PRO F 1 23.72 -0.94 -13.68
C PRO F 1 22.52 -0.96 -12.73
N PHE F 2 21.36 -0.59 -13.27
CA PHE F 2 20.15 -0.54 -12.46
C PHE F 2 19.03 -1.24 -13.20
N ILE F 3 18.56 -2.32 -12.61
CA ILE F 3 17.45 -3.05 -13.22
C ILE F 3 16.15 -2.81 -12.41
N GLU F 4 15.13 -2.26 -13.08
CA GLU F 4 13.86 -2.03 -12.42
C GLU F 4 12.87 -3.00 -13.03
N CYS F 5 12.19 -3.74 -12.19
CA CYS F 5 11.28 -4.79 -12.65
C CYS F 5 9.89 -4.46 -12.14
N HIS F 6 8.96 -4.28 -13.07
CA HIS F 6 7.53 -4.05 -12.71
C HIS F 6 6.73 -5.32 -12.99
N ILE F 7 6.17 -5.93 -11.95
CA ILE F 7 5.45 -7.19 -12.03
C ILE F 7 4.13 -7.03 -11.28
N ALA F 8 3.24 -8.00 -11.48
CA ALA F 8 1.99 -8.06 -10.69
C ALA F 8 2.27 -8.43 -9.23
N THR F 9 1.49 -7.85 -8.32
CA THR F 9 1.46 -8.34 -6.96
C THR F 9 1.07 -9.83 -6.96
N GLY F 10 1.52 -10.57 -5.95
CA GLY F 10 1.12 -11.97 -5.79
C GLY F 10 2.26 -12.91 -5.40
N LEU F 11 3.49 -12.47 -5.55
CA LEU F 11 4.64 -13.30 -5.18
C LEU F 11 4.91 -13.25 -3.67
N SER F 12 5.33 -14.38 -3.11
CA SER F 12 5.84 -14.43 -1.75
C SER F 12 7.15 -13.64 -1.62
N VAL F 13 7.46 -13.23 -0.41
CA VAL F 13 8.76 -12.57 -0.15
C VAL F 13 9.99 -13.46 -0.50
N ALA F 14 9.93 -14.75 -0.16
CA ALA F 14 11.01 -15.67 -0.53
C ALA F 14 11.22 -15.69 -2.06
N ARG F 15 10.11 -15.73 -2.78
CA ARG F 15 10.14 -15.86 -4.23
C ARG F 15 10.68 -14.57 -4.84
N LYS F 16 10.28 -13.45 -4.24
CA LYS F 16 10.76 -12.16 -4.71
C LYS F 16 12.26 -12.01 -4.50
N GLN F 17 12.76 -12.52 -3.35
CA GLN F 17 14.19 -12.41 -2.99
C GLN F 17 15.05 -13.22 -3.94
N GLN F 18 14.56 -14.40 -4.32
CA GLN F 18 15.29 -15.25 -5.26
C GLN F 18 15.30 -14.64 -6.66
N LEU F 19 14.18 -14.02 -7.02
CA LEU F 19 14.09 -13.29 -8.30
C LEU F 19 15.16 -12.24 -8.39
N ILE F 20 15.31 -11.45 -7.32
CA ILE F 20 16.36 -10.44 -7.24
C ILE F 20 17.77 -11.10 -7.34
N ARG F 21 17.96 -12.24 -6.65
CA ARG F 21 19.25 -12.94 -6.77
C ARG F 21 19.51 -13.35 -8.21
N ASP F 22 18.46 -13.88 -8.84
CA ASP F 22 18.56 -14.38 -10.20
C ASP F 22 18.84 -13.27 -11.21
N VAL F 23 18.22 -12.10 -11.03
CA VAL F 23 18.51 -10.93 -11.90
C VAL F 23 19.95 -10.50 -11.73
N ILE F 24 20.45 -10.49 -10.49
CA ILE F 24 21.83 -10.10 -10.28
C ILE F 24 22.78 -11.07 -11.03
N ASP F 25 22.53 -12.37 -10.90
CA ASP F 25 23.35 -13.39 -11.56
C ASP F 25 23.30 -13.25 -13.07
N VAL F 26 22.09 -13.17 -13.63
CA VAL F 26 21.96 -13.01 -15.09
C VAL F 26 22.74 -11.81 -15.60
N THR F 27 22.65 -10.72 -14.83
CA THR F 27 23.31 -9.48 -15.21
C THR F 27 24.83 -9.63 -15.16
N ASN F 28 25.34 -10.14 -14.03
CA ASN F 28 26.76 -10.46 -13.96
C ASN F 28 27.24 -11.37 -15.09
N LYS F 29 26.49 -12.41 -15.40
CA LYS F 29 26.94 -13.37 -16.41
C LYS F 29 26.90 -12.83 -17.86
N SER F 30 26.06 -11.84 -18.13
CA SER F 30 25.86 -11.40 -19.50
C SER F 30 26.69 -10.16 -19.77
N ILE F 31 26.74 -9.30 -18.77
CA ILE F 31 27.23 -7.98 -18.94
C ILE F 31 28.56 -7.76 -18.17
N GLY F 32 28.89 -8.69 -17.26
CA GLY F 32 30.15 -8.68 -16.51
C GLY F 32 30.21 -7.86 -15.23
N SER F 33 29.10 -7.24 -14.85
CA SER F 33 29.11 -6.28 -13.76
C SER F 33 29.39 -6.98 -12.45
N ASP F 34 30.27 -6.39 -11.63
CA ASP F 34 30.48 -6.84 -10.24
C ASP F 34 29.10 -6.80 -9.56
N PRO F 35 28.66 -7.94 -8.99
CA PRO F 35 27.33 -7.96 -8.30
C PRO F 35 27.14 -6.82 -7.30
N LYS F 36 28.23 -6.36 -6.69
CA LYS F 36 28.17 -5.24 -5.75
C LYS F 36 27.66 -3.91 -6.35
N ILE F 37 27.76 -3.74 -7.66
CA ILE F 37 27.26 -2.54 -8.34
C ILE F 37 26.02 -2.85 -9.21
N ILE F 38 25.45 -4.04 -9.05
CA ILE F 38 24.18 -4.33 -9.73
C ILE F 38 23.04 -3.99 -8.76
N ASN F 39 22.23 -2.98 -9.13
CA ASN F 39 21.14 -2.55 -8.26
C ASN F 39 19.85 -3.02 -8.88
N VAL F 40 18.99 -3.64 -8.08
CA VAL F 40 17.74 -4.18 -8.62
C VAL F 40 16.61 -3.64 -7.76
N LEU F 41 15.54 -3.21 -8.43
CA LEU F 41 14.33 -2.79 -7.73
C LEU F 41 13.14 -3.57 -8.29
N LEU F 42 12.35 -4.14 -7.39
CA LEU F 42 11.16 -4.88 -7.76
C LEU F 42 9.96 -4.04 -7.32
N VAL F 43 9.08 -3.73 -8.28
CA VAL F 43 7.88 -2.94 -8.01
C VAL F 43 6.65 -3.77 -8.38
N GLU F 44 5.75 -3.93 -7.42
CA GLU F 44 4.54 -4.71 -7.63
C GLU F 44 3.34 -3.82 -7.86
N HIS F 45 2.46 -4.23 -8.77
CA HIS F 45 1.31 -3.39 -9.13
C HIS F 45 0.08 -4.24 -9.19
N ALA F 46 -1.07 -3.62 -8.96
CA ALA F 46 -2.36 -4.25 -9.27
C ALA F 46 -2.44 -4.54 -10.76
N GLU F 47 -3.05 -5.66 -11.12
CA GLU F 47 -3.17 -6.03 -12.53
C GLU F 47 -3.86 -4.93 -13.35
N ALA F 48 -4.95 -4.37 -12.82
CA ALA F 48 -5.69 -3.25 -13.46
C ALA F 48 -4.83 -2.04 -13.88
N ASN F 49 -3.69 -1.86 -13.22
CA ASN F 49 -2.76 -0.74 -13.50
C ASN F 49 -1.69 -1.04 -14.57
N MET F 50 -1.73 -2.24 -15.13
CA MET F 50 -0.75 -2.58 -16.18
C MET F 50 -1.50 -2.97 -17.43
N SER F 51 -1.06 -2.45 -18.58
CA SER F 51 -1.51 -2.98 -19.85
C SER F 51 -0.33 -3.47 -20.65
N ILE F 52 -0.22 -4.77 -20.90
CA ILE F 52 0.78 -5.27 -21.82
C ILE F 52 0.09 -5.46 -23.17
N SER F 53 0.73 -5.00 -24.25
CA SER F 53 0.28 -5.28 -25.63
C SER F 53 -1.15 -4.76 -25.90
N GLY F 54 -1.48 -3.65 -25.27
CA GLY F 54 -2.74 -2.94 -25.49
C GLY F 54 -3.94 -3.53 -24.77
N ARG F 55 -3.68 -4.46 -23.84
CA ARG F 55 -4.74 -5.24 -23.18
C ARG F 55 -5.22 -4.57 -21.90
N ILE F 56 -6.52 -4.62 -21.65
CA ILE F 56 -7.04 -4.07 -20.39
C ILE F 56 -7.47 -5.22 -19.49
N HIS F 57 -6.98 -5.21 -18.25
CA HIS F 57 -7.28 -6.25 -17.25
C HIS F 57 -8.79 -6.48 -17.08
N GLY F 58 -9.20 -7.74 -17.15
CA GLY F 58 -10.59 -8.06 -17.50
C GLY F 58 -10.62 -7.83 -19.00
N GLU F 59 -11.51 -6.95 -19.48
CA GLU F 59 -11.42 -6.44 -20.85
C GLU F 59 -12.34 -5.23 -21.05
N PRO G 2 -7.52 9.46 16.07
CA PRO G 2 -7.19 8.04 16.02
C PRO G 2 -8.26 7.21 16.72
N MET G 3 -8.33 5.93 16.40
CA MET G 3 -9.26 5.01 17.08
C MET G 3 -8.50 3.84 17.65
N ILE G 4 -8.68 3.62 18.96
CA ILE G 4 -7.97 2.56 19.69
C ILE G 4 -9.00 1.57 20.25
N SER G 5 -8.70 0.29 20.15
CA SER G 5 -9.52 -0.72 20.79
C SER G 5 -8.67 -1.70 21.60
N CYS G 6 -9.25 -2.21 22.69
CA CYS G 6 -8.60 -3.23 23.48
C CYS G 6 -9.58 -4.40 23.72
N ASP G 7 -9.21 -5.59 23.25
CA ASP G 7 -9.95 -6.81 23.61
C ASP G 7 -9.20 -7.47 24.74
N MET G 8 -9.90 -7.68 25.86
CA MET G 8 -9.29 -8.31 27.04
C MET G 8 -10.26 -9.13 27.87
N ALA G 9 -9.69 -10.02 28.68
CA ALA G 9 -10.42 -10.87 29.58
C ALA G 9 -11.22 -9.95 30.51
N TYR G 10 -12.47 -10.32 30.76
CA TYR G 10 -13.30 -9.66 31.77
C TYR G 10 -12.66 -9.75 33.12
N GLY G 11 -12.87 -8.76 33.98
CA GLY G 11 -12.38 -8.80 35.36
C GLY G 11 -11.60 -7.61 35.86
N ARG G 12 -11.19 -6.73 34.94
CA ARG G 12 -10.50 -5.51 35.35
C ARG G 12 -11.46 -4.57 36.03
N THR G 13 -10.96 -3.83 37.00
CA THR G 13 -11.75 -2.84 37.74
C THR G 13 -11.97 -1.57 36.90
N ASP G 14 -12.94 -0.76 37.29
CA ASP G 14 -13.14 0.56 36.64
C ASP G 14 -11.88 1.42 36.79
N GLU G 15 -11.23 1.34 37.94
CA GLU G 15 -9.99 2.10 38.14
C GLU G 15 -8.89 1.66 37.20
N GLN G 16 -8.72 0.34 37.03
CA GLN G 16 -7.73 -0.16 36.10
C GLN G 16 -8.00 0.28 34.66
N LYS G 17 -9.28 0.30 34.25
CA LYS G 17 -9.64 0.74 32.89
C LYS G 17 -9.38 2.23 32.64
N ARG G 18 -9.59 3.04 33.67
CA ARG G 18 -9.25 4.46 33.66
C ARG G 18 -7.74 4.77 33.63
N ALA G 19 -6.93 3.94 34.29
CA ALA G 19 -5.47 4.07 34.16
C ALA G 19 -5.07 3.62 32.72
N LEU G 20 -5.69 2.56 32.22
CA LEU G 20 -5.45 2.06 30.87
C LEU G 20 -5.77 3.12 29.81
N SER G 21 -6.95 3.71 29.88
CA SER G 21 -7.28 4.84 28.99
C SER G 21 -6.32 6.04 29.14
N ALA G 22 -6.05 6.45 30.38
CA ALA G 22 -5.11 7.57 30.61
C ALA G 22 -3.76 7.32 29.90
N GLY G 23 -3.24 6.10 30.02
CA GLY G 23 -1.89 5.81 29.55
C GLY G 23 -1.83 5.69 28.05
N LEU G 24 -2.83 5.00 27.50
CA LEU G 24 -2.98 4.81 26.03
C LEU G 24 -3.29 6.12 25.31
N LEU G 25 -4.21 6.92 25.84
CA LEU G 25 -4.44 8.27 25.32
C LEU G 25 -3.17 9.14 25.42
N ARG G 26 -2.41 9.07 26.53
CA ARG G 26 -1.15 9.82 26.65
C ARG G 26 -0.14 9.44 25.55
N VAL G 27 0.09 8.15 25.36
CA VAL G 27 1.15 7.69 24.47
C VAL G 27 0.80 7.92 23.00
N ILE G 28 -0.46 7.73 22.66
CA ILE G 28 -0.96 7.90 21.29
C ILE G 28 -0.95 9.39 20.91
N SER G 29 -1.40 10.23 21.84
CA SER G 29 -1.35 11.69 21.69
C SER G 29 0.07 12.23 21.44
N GLU G 30 0.99 11.92 22.36
CA GLU G 30 2.42 12.22 22.18
C GLU G 30 3.01 11.76 20.82
N ALA G 31 2.78 10.50 20.45
CA ALA G 31 3.37 9.97 19.22
C ALA G 31 2.80 10.61 17.96
N THR G 32 1.52 10.94 18.01
CA THR G 32 0.72 11.21 16.82
C THR G 32 0.50 12.73 16.62
N GLY G 33 0.75 13.50 17.68
CA GLY G 33 0.47 14.93 17.64
C GLY G 33 -0.98 15.27 17.89
N GLU G 34 -1.83 14.25 18.00
CA GLU G 34 -3.28 14.44 18.12
C GLU G 34 -3.71 14.73 19.55
N PRO G 35 -4.62 15.72 19.75
CA PRO G 35 -5.08 15.93 21.13
C PRO G 35 -5.86 14.72 21.64
N ARG G 36 -5.74 14.43 22.93
CA ARG G 36 -6.44 13.27 23.45
C ARG G 36 -7.95 13.28 23.17
N GLU G 37 -8.54 14.46 22.95
CA GLU G 37 -9.97 14.55 22.65
C GLU G 37 -10.32 13.94 21.30
N ASN G 38 -9.31 13.83 20.42
CA ASN G 38 -9.48 13.24 19.10
C ASN G 38 -9.18 11.75 19.04
N ILE G 39 -8.92 11.15 20.20
CA ILE G 39 -8.60 9.71 20.23
C ILE G 39 -9.82 8.96 20.79
N PHE G 40 -10.49 8.16 19.97
CA PHE G 40 -11.59 7.32 20.47
C PHE G 40 -11.02 6.01 21.04
N PHE G 41 -11.54 5.54 22.17
CA PHE G 41 -11.07 4.27 22.74
C PHE G 41 -12.26 3.38 23.17
N VAL G 42 -12.21 2.10 22.80
CA VAL G 42 -13.22 1.10 23.24
C VAL G 42 -12.52 -0.13 23.85
N ILE G 43 -13.05 -0.56 24.99
CA ILE G 43 -12.68 -1.79 25.65
C ILE G 43 -13.78 -2.82 25.33
N ARG G 44 -13.40 -3.96 24.78
CA ARG G 44 -14.32 -5.08 24.61
C ARG G 44 -13.90 -6.26 25.49
N GLU G 45 -14.83 -6.78 26.31
CA GLU G 45 -14.50 -7.84 27.26
C GLU G 45 -15.34 -9.05 26.97
N GLY G 46 -14.78 -10.22 27.29
CA GLY G 46 -15.52 -11.46 27.34
C GLY G 46 -14.92 -12.42 28.36
N SER G 47 -15.54 -13.58 28.50
CA SER G 47 -15.10 -14.60 29.45
C SER G 47 -13.96 -15.42 28.87
N GLY G 48 -13.32 -16.23 29.70
CA GLY G 48 -12.10 -16.95 29.35
C GLY G 48 -12.18 -17.89 28.17
N ILE G 49 -13.32 -18.56 27.99
CA ILE G 49 -13.54 -19.43 26.83
C ILE G 49 -13.43 -18.68 25.49
N ASN G 50 -13.60 -17.37 25.53
CA ASN G 50 -13.55 -16.55 24.31
C ASN G 50 -12.16 -15.98 23.96
N PHE G 51 -11.15 -16.34 24.75
CA PHE G 51 -9.79 -15.83 24.54
C PHE G 51 -8.78 -16.95 24.54
N VAL G 52 -7.80 -16.82 23.66
CA VAL G 52 -6.65 -17.70 23.61
C VAL G 52 -5.46 -16.80 23.35
N GLU G 53 -4.66 -16.58 24.38
CA GLU G 53 -3.54 -15.63 24.32
C GLU G 53 -2.20 -16.36 24.42
N HIS G 54 -2.25 -17.63 24.85
CA HIS G 54 -1.04 -18.43 25.03
C HIS G 54 -0.92 -19.52 23.97
N GLY G 55 -2.04 -19.80 23.29
CA GLY G 55 -2.13 -20.83 22.26
C GLY G 55 -1.75 -22.24 22.72
N GLU G 56 -2.67 -22.96 23.39
CA GLU G 56 -4.06 -22.56 23.66
C GLU G 56 -4.61 -23.44 24.80
N HIS G 57 -5.81 -23.17 25.37
CA HIS G 57 -6.53 -21.87 25.31
C HIS G 57 -5.72 -20.73 25.95
N PRO H 1 -21.07 -15.69 10.64
CA PRO H 1 -19.95 -15.22 11.44
C PRO H 1 -18.95 -14.41 10.62
N PHE H 2 -18.15 -13.60 11.31
CA PHE H 2 -17.11 -12.80 10.65
C PHE H 2 -15.78 -13.09 11.30
N ILE H 3 -14.85 -13.62 10.51
CA ILE H 3 -13.49 -13.89 10.93
C ILE H 3 -12.51 -12.90 10.27
N GLU H 4 -11.80 -12.12 11.09
CA GLU H 4 -10.76 -11.20 10.64
C GLU H 4 -9.43 -11.75 11.08
N CYS H 5 -8.48 -11.88 10.13
CA CYS H 5 -7.13 -12.41 10.40
C CYS H 5 -6.12 -11.37 10.01
N HIS H 6 -5.24 -11.03 10.94
CA HIS H 6 -4.19 -10.05 10.74
C HIS H 6 -2.89 -10.83 10.76
N ILE H 7 -2.18 -10.79 9.63
CA ILE H 7 -0.93 -11.49 9.47
C ILE H 7 0.17 -10.55 8.97
N ALA H 8 1.40 -11.03 9.03
CA ALA H 8 2.52 -10.32 8.41
C ALA H 8 2.43 -10.46 6.90
N THR H 9 2.85 -9.42 6.18
CA THR H 9 3.02 -9.51 4.73
CA THR H 9 3.06 -9.49 4.74
C THR H 9 4.08 -10.57 4.41
N GLY H 10 3.99 -11.12 3.21
CA GLY H 10 5.02 -12.09 2.73
C GLY H 10 4.49 -13.33 2.05
N LEU H 11 3.23 -13.66 2.31
CA LEU H 11 2.61 -14.84 1.68
C LEU H 11 2.28 -14.54 0.24
N SER H 12 2.32 -15.57 -0.60
CA SER H 12 1.86 -15.47 -1.99
C SER H 12 0.35 -15.32 -2.06
N VAL H 13 -0.16 -14.92 -3.23
CA VAL H 13 -1.60 -14.81 -3.43
C VAL H 13 -2.27 -16.17 -3.32
N ALA H 14 -1.64 -17.21 -3.87
CA ALA H 14 -2.14 -18.59 -3.75
C ALA H 14 -2.19 -19.06 -2.29
N ARG H 15 -1.12 -18.83 -1.54
CA ARG H 15 -1.06 -19.23 -0.14
C ARG H 15 -2.13 -18.51 0.68
N LYS H 16 -2.39 -17.23 0.34
CA LYS H 16 -3.45 -16.49 1.03
C LYS H 16 -4.86 -16.98 0.67
N GLN H 17 -5.12 -17.34 -0.60
CA GLN H 17 -6.44 -17.83 -0.98
C GLN H 17 -6.73 -19.18 -0.31
N GLN H 18 -5.69 -20.02 -0.24
CA GLN H 18 -5.74 -21.29 0.51
C GLN H 18 -6.07 -21.07 1.99
N LEU H 19 -5.43 -20.07 2.58
CA LEU H 19 -5.67 -19.67 3.97
C LEU H 19 -7.14 -19.38 4.25
N ILE H 20 -7.74 -18.60 3.36
CA ILE H 20 -9.14 -18.18 3.46
C ILE H 20 -10.05 -19.41 3.37
N ARG H 21 -9.75 -20.28 2.40
CA ARG H 21 -10.45 -21.55 2.23
C ARG H 21 -10.40 -22.39 3.49
N ASP H 22 -9.23 -22.40 4.13
CA ASP H 22 -8.97 -23.28 5.26
C ASP H 22 -9.64 -22.72 6.49
N VAL H 23 -9.71 -21.39 6.56
CA VAL H 23 -10.45 -20.68 7.61
C VAL H 23 -11.94 -20.99 7.49
N ILE H 24 -12.50 -20.94 6.27
CA ILE H 24 -13.94 -21.20 6.09
C ILE H 24 -14.31 -22.64 6.50
N ASP H 25 -13.55 -23.60 5.98
CA ASP H 25 -13.73 -25.02 6.32
C ASP H 25 -13.65 -25.28 7.84
N VAL H 26 -12.61 -24.77 8.49
CA VAL H 26 -12.43 -25.04 9.92
C VAL H 26 -13.56 -24.45 10.76
N THR H 27 -14.04 -23.28 10.36
CA THR H 27 -15.16 -22.62 11.05
C THR H 27 -16.43 -23.42 10.78
N ASN H 28 -16.64 -23.79 9.52
CA ASN H 28 -17.79 -24.64 9.15
C ASN H 28 -17.94 -25.93 9.94
N LYS H 29 -16.83 -26.60 10.22
CA LYS H 29 -16.88 -27.88 10.90
C LYS H 29 -16.90 -27.72 12.41
N SER H 30 -16.14 -26.76 12.92
CA SER H 30 -16.00 -26.57 14.35
C SER H 30 -17.29 -26.00 14.95
N ILE H 31 -17.97 -25.18 14.17
CA ILE H 31 -19.04 -24.35 14.72
C ILE H 31 -20.41 -24.57 14.07
N GLY H 32 -20.41 -25.22 12.90
CA GLY H 32 -21.65 -25.62 12.26
C GLY H 32 -22.20 -24.59 11.28
N SER H 33 -21.62 -23.39 11.27
CA SER H 33 -22.07 -22.36 10.33
C SER H 33 -21.86 -22.89 8.90
N ASP H 34 -22.90 -22.82 8.06
CA ASP H 34 -22.75 -23.18 6.65
C ASP H 34 -21.77 -22.18 6.03
N PRO H 35 -20.90 -22.64 5.11
CA PRO H 35 -20.01 -21.72 4.40
C PRO H 35 -20.68 -20.45 3.82
N LYS H 36 -21.95 -20.55 3.43
CA LYS H 36 -22.72 -19.43 2.86
C LYS H 36 -22.92 -18.25 3.84
N ILE H 37 -22.73 -18.49 5.15
CA ILE H 37 -22.85 -17.41 6.13
C ILE H 37 -21.51 -16.99 6.75
N ILE H 38 -20.40 -17.53 6.23
CA ILE H 38 -19.09 -17.28 6.83
C ILE H 38 -18.36 -16.18 6.05
N ASN H 39 -17.89 -15.16 6.75
CA ASN H 39 -17.20 -14.08 6.08
C ASN H 39 -15.83 -13.96 6.66
N VAL H 40 -14.85 -13.76 5.79
CA VAL H 40 -13.46 -13.71 6.22
C VAL H 40 -12.83 -12.48 5.60
N LEU H 41 -12.02 -11.82 6.41
CA LEU H 41 -11.17 -10.71 5.98
C LEU H 41 -9.75 -11.03 6.41
N LEU H 42 -8.83 -10.99 5.44
CA LEU H 42 -7.43 -11.17 5.71
C LEU H 42 -6.77 -9.82 5.50
N VAL H 43 -5.97 -9.41 6.45
CA VAL H 43 -5.28 -8.14 6.39
C VAL H 43 -3.80 -8.40 6.68
N GLU H 44 -2.95 -7.93 5.78
CA GLU H 44 -1.51 -8.13 5.88
C GLU H 44 -0.86 -6.85 6.34
N HIS H 45 0.10 -6.97 7.25
CA HIS H 45 0.76 -5.80 7.79
C HIS H 45 2.28 -5.92 7.71
N ALA H 46 2.98 -4.78 7.64
CA ALA H 46 4.42 -4.77 7.87
C ALA H 46 4.78 -5.28 9.27
N GLU H 47 5.86 -6.03 9.39
CA GLU H 47 6.17 -6.60 10.69
C GLU H 47 6.43 -5.52 11.74
N ALA H 48 6.91 -4.36 11.27
CA ALA H 48 7.17 -3.23 12.17
C ALA H 48 5.90 -2.72 12.86
N ASN H 49 4.75 -2.93 12.22
CA ASN H 49 3.46 -2.46 12.77
C ASN H 49 2.75 -3.44 13.72
N MET H 50 3.46 -4.48 14.15
CA MET H 50 2.89 -5.49 15.01
C MET H 50 3.87 -5.84 16.13
N SER H 51 3.33 -6.14 17.30
CA SER H 51 4.16 -6.40 18.49
C SER H 51 5.16 -7.57 18.31
N ILE H 52 6.39 -7.38 18.83
CA ILE H 52 7.42 -8.43 18.94
C ILE H 52 7.00 -9.42 20.04
N SER H 53 6.76 -8.85 21.22
CA SER H 53 5.83 -9.36 22.24
C SER H 53 5.70 -8.17 23.18
N GLY H 54 6.86 -7.61 23.52
CA GLY H 54 7.00 -6.37 24.25
C GLY H 54 7.85 -5.39 23.44
N PRO I 2 -18.71 -6.39 1.54
CA PRO I 2 -18.18 -5.46 2.56
C PRO I 2 -18.45 -5.93 3.98
N MET I 3 -17.67 -5.50 4.97
CA MET I 3 -18.07 -5.87 6.30
C MET I 3 -18.00 -4.60 7.14
N ILE I 4 -19.04 -4.36 7.95
CA ILE I 4 -19.19 -3.09 8.68
C ILE I 4 -19.33 -3.44 10.17
N SER I 5 -18.78 -2.65 11.06
CA SER I 5 -19.04 -2.93 12.47
C SER I 5 -19.32 -1.64 13.18
N CYS I 6 -20.18 -1.69 14.20
CA CYS I 6 -20.47 -0.51 14.98
C CYS I 6 -20.30 -0.82 16.48
N ASP I 7 -19.31 -0.20 17.12
CA ASP I 7 -19.14 -0.31 18.55
C ASP I 7 -19.88 0.83 19.19
N MET I 8 -20.75 0.50 20.14
CA MET I 8 -21.75 1.44 20.62
C MET I 8 -22.18 1.11 22.07
N ALA I 9 -22.50 2.14 22.84
CA ALA I 9 -23.01 1.97 24.21
C ALA I 9 -24.28 1.09 24.20
N TYR I 10 -24.45 0.22 25.21
CA TYR I 10 -25.70 -0.52 25.42
C TYR I 10 -26.86 0.45 25.46
N GLY I 11 -28.05 -0.02 25.06
CA GLY I 11 -29.26 0.74 25.29
C GLY I 11 -30.15 1.07 24.12
N ARG I 12 -29.62 0.89 22.91
CA ARG I 12 -30.44 1.07 21.73
C ARG I 12 -31.49 -0.03 21.61
N THR I 13 -32.69 0.35 21.18
CA THR I 13 -33.79 -0.60 21.02
C THR I 13 -33.57 -1.46 19.76
N ASP I 14 -34.36 -2.54 19.62
CA ASP I 14 -34.29 -3.36 18.41
C ASP I 14 -34.66 -2.50 17.20
N GLU I 15 -35.70 -1.67 17.33
CA GLU I 15 -36.14 -0.71 16.31
C GLU I 15 -35.02 0.23 15.80
N GLN I 16 -34.25 0.78 16.74
CA GLN I 16 -33.12 1.65 16.42
C GLN I 16 -32.04 0.88 15.69
N LYS I 17 -31.78 -0.35 16.14
CA LYS I 17 -30.75 -1.21 15.53
C LYS I 17 -31.18 -1.57 14.11
N ARG I 18 -32.47 -1.85 13.93
CA ARG I 18 -33.00 -2.08 12.58
C ARG I 18 -32.84 -0.87 11.67
N ALA I 19 -33.17 0.33 12.19
CA ALA I 19 -33.03 1.56 11.41
C ALA I 19 -31.58 1.80 11.05
N LEU I 20 -30.67 1.63 12.03
CA LEU I 20 -29.22 1.78 11.78
C LEU I 20 -28.73 0.86 10.66
N SER I 21 -29.07 -0.43 10.78
CA SER I 21 -28.61 -1.43 9.83
C SER I 21 -29.19 -1.16 8.45
N ALA I 22 -30.48 -0.79 8.39
CA ALA I 22 -31.09 -0.45 7.10
C ALA I 22 -30.38 0.75 6.43
N GLY I 23 -30.06 1.78 7.21
CA GLY I 23 -29.44 2.98 6.64
C GLY I 23 -28.00 2.74 6.22
N LEU I 24 -27.22 2.12 7.09
CA LEU I 24 -25.85 1.73 6.75
C LEU I 24 -25.77 0.81 5.53
N LEU I 25 -26.67 -0.17 5.42
CA LEU I 25 -26.61 -1.10 4.30
C LEU I 25 -27.00 -0.43 2.98
N ARG I 26 -27.98 0.47 3.04
CA ARG I 26 -28.34 1.26 1.86
C ARG I 26 -27.14 2.07 1.34
N VAL I 27 -26.51 2.83 2.24
CA VAL I 27 -25.47 3.79 1.81
C VAL I 27 -24.17 3.12 1.36
N ILE I 28 -23.82 2.00 1.98
CA ILE I 28 -22.64 1.20 1.61
C ILE I 28 -22.93 0.52 0.28
N SER I 29 -24.12 -0.02 0.14
CA SER I 29 -24.55 -0.57 -1.15
C SER I 29 -24.51 0.46 -2.28
N GLU I 30 -25.05 1.66 -2.05
CA GLU I 30 -25.00 2.73 -3.03
C GLU I 30 -23.58 3.13 -3.41
N ALA I 31 -22.70 3.18 -2.42
CA ALA I 31 -21.34 3.64 -2.63
C ALA I 31 -20.54 2.58 -3.39
N THR I 32 -20.70 1.33 -2.99
CA THR I 32 -19.85 0.25 -3.50
C THR I 32 -20.43 -0.46 -4.71
N GLY I 33 -21.72 -0.21 -4.98
CA GLY I 33 -22.47 -0.93 -6.02
C GLY I 33 -22.72 -2.39 -5.66
N GLU I 34 -22.39 -2.76 -4.43
CA GLU I 34 -22.58 -4.11 -3.88
C GLU I 34 -24.02 -4.30 -3.45
N PRO I 35 -24.59 -5.52 -3.66
CA PRO I 35 -25.92 -5.79 -3.12
C PRO I 35 -25.92 -5.82 -1.59
N ARG I 36 -27.03 -5.36 -0.99
CA ARG I 36 -27.20 -5.39 0.46
C ARG I 36 -26.90 -6.76 1.08
N GLU I 37 -27.19 -7.81 0.33
CA GLU I 37 -26.98 -9.21 0.76
C GLU I 37 -25.52 -9.64 0.88
N ASN I 38 -24.59 -8.77 0.44
CA ASN I 38 -23.14 -8.99 0.44
C ASN I 38 -22.44 -8.12 1.46
N ILE I 39 -23.23 -7.51 2.33
CA ILE I 39 -22.74 -6.54 3.30
C ILE I 39 -22.97 -7.14 4.68
N PHE I 40 -21.90 -7.60 5.32
CA PHE I 40 -22.02 -8.12 6.70
C PHE I 40 -22.00 -6.93 7.67
N PHE I 41 -22.79 -7.02 8.74
CA PHE I 41 -22.85 -5.94 9.71
C PHE I 41 -23.03 -6.52 11.11
N VAL I 42 -22.17 -6.05 11.99
CA VAL I 42 -22.17 -6.46 13.40
C VAL I 42 -22.19 -5.24 14.30
N ILE I 43 -23.06 -5.29 15.30
CA ILE I 43 -23.15 -4.24 16.30
C ILE I 43 -22.53 -4.84 17.55
N ARG I 44 -21.59 -4.14 18.16
CA ARG I 44 -20.94 -4.59 19.39
C ARG I 44 -21.25 -3.60 20.50
N GLU I 45 -21.87 -4.09 21.56
CA GLU I 45 -22.32 -3.19 22.63
C GLU I 45 -21.43 -3.29 23.86
N GLY I 46 -21.30 -2.19 24.60
CA GLY I 46 -20.56 -2.18 25.86
C GLY I 46 -21.13 -1.21 26.88
N SER I 47 -20.69 -1.33 28.13
CA SER I 47 -21.13 -0.41 29.15
C SER I 47 -20.28 0.85 29.09
N GLY I 48 -20.79 1.89 29.74
CA GLY I 48 -20.21 3.22 29.63
C GLY I 48 -18.72 3.31 29.94
N ILE I 49 -18.27 2.65 31.01
CA ILE I 49 -16.84 2.67 31.40
C ILE I 49 -15.93 2.16 30.28
N ASN I 50 -16.47 1.33 29.39
CA ASN I 50 -15.70 0.75 28.30
C ASN I 50 -15.50 1.69 27.10
N PHE I 51 -16.11 2.88 27.15
CA PHE I 51 -15.98 3.85 26.05
C PHE I 51 -15.39 5.16 26.53
N VAL I 52 -14.43 5.66 25.75
CA VAL I 52 -13.80 6.95 25.99
C VAL I 52 -14.03 7.77 24.74
N GLU I 53 -14.85 8.80 24.89
CA GLU I 53 -15.16 9.73 23.82
C GLU I 53 -14.83 11.13 24.33
N HIS I 54 -14.28 11.96 23.46
CA HIS I 54 -13.82 13.32 23.83
C HIS I 54 -12.97 13.33 25.11
N GLY I 55 -12.10 12.33 25.24
CA GLY I 55 -11.21 12.20 26.38
C GLY I 55 -11.75 11.55 27.65
N GLU I 56 -13.07 11.52 27.81
CA GLU I 56 -13.70 11.02 29.03
C GLU I 56 -14.45 9.71 28.84
N HIS I 57 -14.44 8.86 29.85
CA HIS I 57 -15.28 7.65 29.85
C HIS I 57 -16.75 8.06 29.95
N LEU I 58 -17.62 7.21 29.42
CA LEU I 58 -19.04 7.48 29.40
C LEU I 58 -19.71 6.99 30.70
N PRO I 59 -20.79 7.66 31.13
CA PRO I 59 -21.70 7.09 32.12
C PRO I 59 -22.68 6.10 31.44
N ASP I 60 -23.23 5.17 32.22
CA ASP I 60 -24.04 4.04 31.69
C ASP I 60 -23.11 2.92 31.24
N PRO J 1 -4.17 -9.43 26.14
CA PRO J 1 -5.09 -8.52 25.42
C PRO J 1 -4.61 -8.17 24.01
N PHE J 2 -5.51 -7.64 23.18
CA PHE J 2 -5.18 -7.19 21.83
C PHE J 2 -5.51 -5.72 21.73
N ILE J 3 -4.50 -4.88 21.54
CA ILE J 3 -4.71 -3.44 21.37
C ILE J 3 -4.50 -3.06 19.90
N GLU J 4 -5.57 -2.62 19.24
CA GLU J 4 -5.49 -2.19 17.84
C GLU J 4 -5.62 -0.66 17.76
N CYS J 5 -4.64 -0.02 17.12
CA CYS J 5 -4.50 1.45 17.09
C CYS J 5 -4.54 1.94 15.64
N HIS J 6 -5.51 2.80 15.36
CA HIS J 6 -5.72 3.32 14.01
C HIS J 6 -5.26 4.73 14.06
N ILE J 7 -4.19 5.05 13.32
CA ILE J 7 -3.69 6.42 13.28
CA ILE J 7 -3.62 6.38 13.29
C ILE J 7 -3.43 6.84 11.84
N ALA J 8 -3.17 8.12 11.65
CA ALA J 8 -2.82 8.60 10.33
C ALA J 8 -1.41 8.14 9.94
N THR J 9 -1.21 7.93 8.64
CA THR J 9 0.10 7.60 8.13
C THR J 9 1.03 8.83 8.36
N GLY J 10 2.33 8.63 8.43
CA GLY J 10 3.23 9.77 8.57
C GLY J 10 4.35 9.69 9.60
N LEU J 11 4.25 8.75 10.54
CA LEU J 11 5.33 8.49 11.50
C LEU J 11 6.45 7.62 10.89
N SER J 12 7.68 7.83 11.37
CA SER J 12 8.81 6.98 11.01
C SER J 12 8.62 5.56 11.57
N VAL J 13 9.40 4.60 11.05
CA VAL J 13 9.40 3.23 11.62
C VAL J 13 9.90 3.26 13.05
N ALA J 14 11.00 3.97 13.29
CA ALA J 14 11.52 4.14 14.65
C ALA J 14 10.43 4.64 15.63
N ARG J 15 9.71 5.70 15.24
CA ARG J 15 8.66 6.25 16.12
C ARG J 15 7.48 5.30 16.35
N LYS J 16 7.08 4.57 15.32
CA LYS J 16 6.04 3.52 15.46
C LYS J 16 6.45 2.37 16.39
N GLN J 17 7.68 1.88 16.23
CA GLN J 17 8.16 0.77 17.05
C GLN J 17 8.18 1.18 18.52
N GLN J 18 8.50 2.45 18.75
CA GLN J 18 8.50 3.01 20.07
C GLN J 18 7.08 3.13 20.61
N LEU J 19 6.17 3.62 19.76
CA LEU J 19 4.75 3.68 20.13
C LEU J 19 4.28 2.31 20.60
N ILE J 20 4.53 1.29 19.78
CA ILE J 20 4.16 -0.06 20.15
C ILE J 20 4.82 -0.44 21.51
N ARG J 21 6.10 -0.13 21.71
CA ARG J 21 6.78 -0.40 23.00
C ARG J 21 6.08 0.29 24.15
N ASP J 22 5.62 1.50 23.88
CA ASP J 22 4.97 2.32 24.89
C ASP J 22 3.54 1.84 25.19
N VAL J 23 2.84 1.32 24.19
CA VAL J 23 1.51 0.71 24.38
C VAL J 23 1.62 -0.52 25.29
N ILE J 24 2.64 -1.33 25.05
CA ILE J 24 2.91 -2.55 25.84
CA ILE J 24 2.82 -2.54 25.85
C ILE J 24 3.13 -2.19 27.31
N ASP J 25 4.07 -1.29 27.53
CA ASP J 25 4.41 -0.82 28.87
C ASP J 25 3.15 -0.33 29.61
N VAL J 26 2.39 0.58 29.00
CA VAL J 26 1.20 1.14 29.65
C VAL J 26 0.15 0.06 29.95
N THR J 27 -0.03 -0.88 29.03
CA THR J 27 -0.99 -1.98 29.25
C THR J 27 -0.56 -2.86 30.44
N ASN J 28 0.72 -3.19 30.51
CA ASN J 28 1.27 -3.96 31.63
C ASN J 28 1.08 -3.28 33.00
N LYS J 29 1.45 -2.00 33.08
CA LYS J 29 1.37 -1.26 34.35
C LYS J 29 -0.07 -0.99 34.81
N SER J 30 -1.00 -0.80 33.88
CA SER J 30 -2.37 -0.46 34.25
CA SER J 30 -2.38 -0.45 34.22
C SER J 30 -3.23 -1.69 34.53
N ILE J 31 -3.04 -2.74 33.75
CA ILE J 31 -3.95 -3.86 33.69
C ILE J 31 -3.35 -5.18 34.23
N GLY J 32 -2.03 -5.22 34.36
CA GLY J 32 -1.33 -6.36 34.97
C GLY J 32 -0.83 -7.43 34.02
N SER J 33 -1.16 -7.26 32.73
CA SER J 33 -0.86 -8.23 31.69
C SER J 33 0.64 -8.38 31.45
N ASP J 34 1.12 -9.61 31.50
CA ASP J 34 2.52 -9.85 31.21
C ASP J 34 2.75 -9.44 29.76
N PRO J 35 3.83 -8.69 29.48
CA PRO J 35 4.07 -8.29 28.10
C PRO J 35 3.98 -9.46 27.12
N LYS J 36 4.24 -10.69 27.59
CA LYS J 36 4.16 -11.87 26.72
C LYS J 36 2.80 -12.07 26.02
N ILE J 37 1.72 -11.63 26.68
CA ILE J 37 0.35 -11.81 26.14
C ILE J 37 -0.27 -10.55 25.51
N ILE J 38 0.39 -9.41 25.68
CA ILE J 38 -0.06 -8.14 25.08
C ILE J 38 0.31 -8.06 23.59
N ASN J 39 -0.71 -8.10 22.75
CA ASN J 39 -0.54 -8.07 21.30
C ASN J 39 -1.00 -6.74 20.78
N VAL J 40 -0.17 -6.09 19.97
CA VAL J 40 -0.46 -4.75 19.47
C VAL J 40 -0.35 -4.70 17.95
N LEU J 41 -1.32 -4.03 17.37
CA LEU J 41 -1.38 -3.81 15.94
C LEU J 41 -1.53 -2.30 15.68
N LEU J 42 -0.62 -1.76 14.89
CA LEU J 42 -0.71 -0.38 14.47
C LEU J 42 -1.08 -0.35 13.00
N VAL J 43 -2.17 0.35 12.69
CA VAL J 43 -2.73 0.41 11.34
C VAL J 43 -2.75 1.87 10.98
N GLU J 44 -2.13 2.20 9.84
CA GLU J 44 -2.04 3.58 9.40
C GLU J 44 -2.99 3.84 8.25
N HIS J 45 -3.59 5.01 8.28
CA HIS J 45 -4.59 5.41 7.30
C HIS J 45 -4.32 6.78 6.69
N ALA J 46 -4.76 6.93 5.45
CA ALA J 46 -4.86 8.21 4.79
C ALA J 46 -5.87 9.03 5.59
N GLU J 47 -5.59 10.32 5.75
CA GLU J 47 -6.45 11.18 6.57
C GLU J 47 -7.88 11.17 6.03
N ALA J 48 -8.00 11.05 4.71
CA ALA J 48 -9.31 11.06 4.03
C ALA J 48 -10.21 9.88 4.35
N ASN J 49 -9.62 8.83 4.92
CA ASN J 49 -10.35 7.60 5.25
C ASN J 49 -10.81 7.55 6.69
N MET J 50 -10.52 8.63 7.42
CA MET J 50 -10.81 8.71 8.84
C MET J 50 -11.58 9.97 9.18
N SER J 51 -12.66 9.79 9.92
CA SER J 51 -13.37 10.94 10.44
C SER J 51 -13.43 10.83 11.94
N ILE J 52 -12.75 11.77 12.59
CA ILE J 52 -12.84 11.94 14.04
C ILE J 52 -13.95 12.91 14.55
N SER J 53 -14.14 14.15 14.06
CA SER J 53 -13.41 15.01 13.09
C SER J 53 -14.48 16.08 12.75
N GLY J 54 -15.24 15.99 11.64
CA GLY J 54 -14.72 16.16 10.27
C GLY J 54 -14.69 15.12 9.16
N ARG J 55 -14.90 15.62 7.95
CA ARG J 55 -14.27 15.10 6.74
C ARG J 55 -12.91 15.81 6.73
N ILE J 56 -11.82 15.05 6.55
CA ILE J 56 -10.43 15.57 6.64
C ILE J 56 -9.38 14.64 5.99
N PRO K 2 0.46 -12.86 14.84
CA PRO K 2 -0.80 -12.70 14.15
C PRO K 2 -1.98 -12.53 15.15
N MET K 3 -3.11 -12.09 14.64
CA MET K 3 -4.28 -11.87 15.51
C MET K 3 -5.51 -12.33 14.77
N ILE K 4 -6.33 -13.13 15.42
CA ILE K 4 -7.57 -13.61 14.82
C ILE K 4 -8.73 -13.17 15.71
N SER K 5 -9.80 -12.69 15.09
CA SER K 5 -11.03 -12.45 15.82
C SER K 5 -12.17 -13.20 15.10
N CYS K 6 -13.20 -13.56 15.87
CA CYS K 6 -14.40 -14.14 15.34
C CYS K 6 -15.62 -13.50 16.00
N ASP K 7 -16.41 -12.78 15.21
CA ASP K 7 -17.69 -12.24 15.68
C ASP K 7 -18.81 -13.19 15.29
N MET K 8 -19.57 -13.64 16.27
CA MET K 8 -20.66 -14.59 16.00
C MET K 8 -21.78 -14.53 17.06
N ALA K 9 -22.91 -15.17 16.74
CA ALA K 9 -24.01 -15.30 17.69
C ALA K 9 -23.65 -16.13 18.95
N TYR K 10 -24.13 -15.70 20.12
CA TYR K 10 -24.11 -16.56 21.30
C TYR K 10 -24.71 -17.92 20.96
N GLY K 11 -24.28 -18.95 21.67
CA GLY K 11 -24.85 -20.28 21.46
C GLY K 11 -23.91 -21.46 21.39
N ARG K 12 -22.69 -21.26 20.90
CA ARG K 12 -21.78 -22.41 20.75
C ARG K 12 -21.28 -22.89 22.11
N THR K 13 -21.03 -24.20 22.20
CA THR K 13 -20.55 -24.82 23.45
C THR K 13 -19.07 -24.48 23.70
N ASP K 14 -18.57 -24.78 24.88
CA ASP K 14 -17.13 -24.66 25.16
C ASP K 14 -16.33 -25.54 24.21
N GLU K 15 -16.88 -26.70 23.92
CA GLU K 15 -16.25 -27.69 23.06
C GLU K 15 -16.16 -27.20 21.61
N GLN K 16 -17.25 -26.63 21.11
CA GLN K 16 -17.27 -25.98 19.79
C GLN K 16 -16.31 -24.80 19.69
N LYS K 17 -16.24 -24.00 20.75
CA LYS K 17 -15.34 -22.84 20.79
C LYS K 17 -13.86 -23.26 20.79
N ARG K 18 -13.57 -24.32 21.52
CA ARG K 18 -12.21 -24.87 21.62
C ARG K 18 -11.75 -25.50 20.32
N ALA K 19 -12.68 -26.13 19.59
CA ALA K 19 -12.41 -26.70 18.27
C ALA K 19 -12.16 -25.60 17.24
N LEU K 20 -12.93 -24.53 17.35
CA LEU K 20 -12.80 -23.35 16.50
C LEU K 20 -11.44 -22.70 16.73
N SER K 21 -11.12 -22.50 17.99
CA SER K 21 -9.88 -21.89 18.41
C SER K 21 -8.69 -22.74 17.93
N ALA K 22 -8.78 -24.04 18.18
CA ALA K 22 -7.74 -24.99 17.80
C ALA K 22 -7.56 -25.06 16.29
N GLY K 23 -8.67 -25.06 15.57
CA GLY K 23 -8.61 -25.16 14.11
C GLY K 23 -8.00 -23.91 13.49
N LEU K 24 -8.52 -22.75 13.89
CA LEU K 24 -8.03 -21.49 13.35
C LEU K 24 -6.55 -21.24 13.66
N LEU K 25 -6.11 -21.56 14.89
CA LEU K 25 -4.69 -21.44 15.26
C LEU K 25 -3.80 -22.35 14.41
N ARG K 26 -4.25 -23.58 14.20
CA ARG K 26 -3.53 -24.51 13.34
C ARG K 26 -3.34 -23.93 11.93
N VAL K 27 -4.43 -23.47 11.34
CA VAL K 27 -4.43 -22.97 9.96
C VAL K 27 -3.55 -21.71 9.76
N ILE K 28 -3.65 -20.76 10.70
CA ILE K 28 -2.82 -19.54 10.64
C ILE K 28 -1.34 -19.86 10.89
N SER K 29 -1.07 -20.68 11.91
CA SER K 29 0.30 -21.14 12.20
C SER K 29 0.95 -21.77 10.99
N GLU K 30 0.21 -22.62 10.31
CA GLU K 30 0.78 -23.37 9.18
C GLU K 30 1.04 -22.45 8.00
N ALA K 31 0.12 -21.52 7.75
CA ALA K 31 0.26 -20.57 6.61
C ALA K 31 1.38 -19.56 6.75
N THR K 32 1.61 -19.11 7.97
CA THR K 32 2.46 -17.98 8.23
C THR K 32 3.80 -18.44 8.80
N GLY K 33 3.85 -19.68 9.27
CA GLY K 33 5.03 -20.25 9.92
C GLY K 33 5.27 -19.73 11.33
N GLU K 34 4.32 -18.97 11.85
CA GLU K 34 4.34 -18.47 13.23
C GLU K 34 3.89 -19.56 14.21
N PRO K 35 4.57 -19.66 15.38
CA PRO K 35 4.10 -20.54 16.47
C PRO K 35 2.77 -20.11 17.16
N ARG K 36 2.08 -21.08 17.79
CA ARG K 36 0.85 -20.85 18.57
C ARG K 36 0.94 -19.67 19.52
N GLU K 37 1.97 -19.70 20.36
CA GLU K 37 2.20 -18.67 21.39
C GLU K 37 2.08 -17.25 20.82
N ASN K 38 2.37 -17.13 19.53
CA ASN K 38 2.43 -15.83 18.89
C ASN K 38 1.11 -15.35 18.25
N ILE K 39 0.07 -16.19 18.31
CA ILE K 39 -1.20 -15.87 17.66
C ILE K 39 -2.27 -15.60 18.71
N PHE K 40 -2.89 -14.42 18.65
CA PHE K 40 -3.95 -14.02 19.59
C PHE K 40 -5.28 -14.39 18.97
N PHE K 41 -6.19 -14.91 19.77
CA PHE K 41 -7.50 -15.31 19.26
C PHE K 41 -8.59 -14.79 20.22
N VAL K 42 -9.62 -14.19 19.64
CA VAL K 42 -10.79 -13.76 20.43
C VAL K 42 -12.10 -14.07 19.73
N ILE K 43 -13.04 -14.60 20.50
CA ILE K 43 -14.44 -14.73 20.10
C ILE K 43 -15.22 -13.53 20.73
N ARG K 44 -15.94 -12.78 19.90
CA ARG K 44 -16.86 -11.72 20.35
C ARG K 44 -18.28 -12.15 20.00
N GLU K 45 -19.14 -12.19 21.00
CA GLU K 45 -20.52 -12.66 20.86
C GLU K 45 -21.55 -11.55 21.03
N GLY K 46 -22.66 -11.71 20.33
CA GLY K 46 -23.76 -10.78 20.46
C GLY K 46 -25.06 -11.50 20.16
N SER K 47 -26.17 -10.88 20.55
CA SER K 47 -27.47 -11.47 20.32
C SER K 47 -27.86 -11.32 18.85
N GLY K 48 -28.84 -12.12 18.43
CA GLY K 48 -29.26 -12.14 17.04
C GLY K 48 -29.49 -10.78 16.43
N ILE K 49 -30.12 -9.87 17.17
CA ILE K 49 -30.38 -8.52 16.68
C ILE K 49 -29.11 -7.76 16.28
N ASN K 50 -27.97 -8.14 16.86
CA ASN K 50 -26.72 -7.41 16.61
C ASN K 50 -25.98 -7.77 15.33
N PHE K 51 -26.50 -8.77 14.60
CA PHE K 51 -25.91 -9.28 13.36
C PHE K 51 -26.89 -9.18 12.22
N VAL K 52 -26.42 -8.64 11.11
CA VAL K 52 -27.14 -8.71 9.82
C VAL K 52 -26.32 -9.53 8.81
N GLU K 53 -26.83 -10.72 8.46
CA GLU K 53 -26.13 -11.59 7.53
C GLU K 53 -27.12 -11.84 6.40
N HIS K 54 -26.63 -11.76 5.17
CA HIS K 54 -27.45 -11.89 3.95
C HIS K 54 -28.61 -10.88 3.87
N GLY K 55 -28.43 -9.72 4.52
CA GLY K 55 -29.41 -8.65 4.48
C GLY K 55 -30.45 -8.74 5.60
N GLU K 56 -30.30 -9.72 6.48
CA GLU K 56 -31.31 -9.96 7.51
C GLU K 56 -30.70 -9.99 8.92
N HIS K 57 -31.36 -9.31 9.87
CA HIS K 57 -31.01 -9.49 11.29
C HIS K 57 -31.28 -10.95 11.67
N LEU K 58 -30.38 -11.49 12.49
CA LEU K 58 -30.48 -12.87 12.93
C LEU K 58 -31.52 -13.00 14.03
N PRO K 59 -32.34 -14.07 13.99
CA PRO K 59 -33.30 -14.27 15.08
C PRO K 59 -32.59 -14.40 16.43
N ASP K 60 -31.68 -15.37 16.54
CA ASP K 60 -30.86 -15.61 17.73
C ASP K 60 -29.89 -16.76 17.47
N PRO L 1 -19.96 6.61 18.98
CA PRO L 1 -19.71 5.24 18.53
C PRO L 1 -18.66 5.20 17.42
N PHE L 2 -18.25 3.99 17.09
CA PHE L 2 -17.18 3.82 16.12
C PHE L 2 -17.64 2.86 15.08
N ILE L 3 -17.72 3.37 13.85
CA ILE L 3 -18.17 2.61 12.70
C ILE L 3 -16.93 2.30 11.82
N GLU L 4 -16.63 1.02 11.67
CA GLU L 4 -15.53 0.57 10.78
C GLU L 4 -16.12 -0.11 9.55
N CYS L 5 -15.70 0.39 8.39
CA CYS L 5 -16.21 -0.02 7.11
C CYS L 5 -15.08 -0.67 6.27
N HIS L 6 -15.19 -1.97 6.05
CA HIS L 6 -14.31 -2.68 5.11
C HIS L 6 -14.92 -2.90 3.72
N ILE L 7 -14.32 -2.26 2.72
CA ILE L 7 -14.83 -2.29 1.34
C ILE L 7 -13.69 -2.63 0.37
N ALA L 8 -14.06 -2.96 -0.86
CA ALA L 8 -13.07 -3.20 -1.89
C ALA L 8 -12.41 -1.90 -2.27
N THR L 9 -11.13 -1.96 -2.63
CA THR L 9 -10.50 -0.81 -3.25
C THR L 9 -11.19 -0.48 -4.59
N GLY L 10 -11.06 0.75 -5.06
CA GLY L 10 -11.63 1.10 -6.37
C GLY L 10 -12.52 2.33 -6.41
N LEU L 11 -12.97 2.83 -5.26
CA LEU L 11 -13.77 4.07 -5.26
C LEU L 11 -12.86 5.30 -5.35
N SER L 12 -13.39 6.38 -5.92
CA SER L 12 -12.68 7.66 -5.96
C SER L 12 -12.64 8.30 -4.55
N VAL L 13 -11.75 9.27 -4.36
CA VAL L 13 -11.71 9.96 -3.09
C VAL L 13 -13.03 10.69 -2.79
N ALA L 14 -13.63 11.30 -3.80
CA ALA L 14 -14.87 12.04 -3.61
C ALA L 14 -15.98 11.11 -3.17
N ARG L 15 -16.00 9.90 -3.74
CA ARG L 15 -17.04 8.92 -3.41
C ARG L 15 -16.89 8.40 -1.98
N LYS L 16 -15.65 8.23 -1.55
CA LYS L 16 -15.35 7.78 -0.19
C LYS L 16 -15.65 8.88 0.85
N GLN L 17 -15.32 10.12 0.53
CA GLN L 17 -15.67 11.21 1.44
C GLN L 17 -17.20 11.34 1.60
N GLN L 18 -17.96 11.18 0.52
CA GLN L 18 -19.41 11.19 0.56
C GLN L 18 -19.95 10.01 1.39
N LEU L 19 -19.35 8.84 1.24
CA LEU L 19 -19.75 7.67 2.04
C LEU L 19 -19.60 7.92 3.54
N ILE L 20 -18.48 8.52 3.95
CA ILE L 20 -18.24 8.85 5.35
CA ILE L 20 -18.25 8.83 5.35
C ILE L 20 -19.30 9.83 5.85
N ARG L 21 -19.63 10.81 5.01
CA ARG L 21 -20.63 11.79 5.32
C ARG L 21 -21.98 11.13 5.55
N ASP L 22 -22.31 10.18 4.67
CA ASP L 22 -23.61 9.52 4.73
C ASP L 22 -23.72 8.56 5.93
N VAL L 23 -22.60 7.91 6.28
CA VAL L 23 -22.51 7.06 7.46
C VAL L 23 -22.74 7.86 8.72
N ILE L 24 -22.08 9.01 8.83
CA ILE L 24 -22.31 9.92 9.95
C ILE L 24 -23.82 10.28 10.06
N ASP L 25 -24.43 10.68 8.95
CA ASP L 25 -25.80 11.18 8.94
C ASP L 25 -26.77 10.07 9.32
N VAL L 26 -26.63 8.90 8.70
CA VAL L 26 -27.51 7.76 8.96
C VAL L 26 -27.47 7.40 10.46
N THR L 27 -26.25 7.35 11.00
CA THR L 27 -26.04 7.01 12.43
C THR L 27 -26.76 8.01 13.35
N ASN L 28 -26.53 9.31 13.13
CA ASN L 28 -27.23 10.33 13.92
C ASN L 28 -28.75 10.22 13.82
N LYS L 29 -29.26 10.03 12.61
CA LYS L 29 -30.72 10.03 12.42
C LYS L 29 -31.40 8.77 12.94
N SER L 30 -30.66 7.68 13.04
CA SER L 30 -31.22 6.40 13.45
C SER L 30 -31.00 6.14 14.94
N ILE L 31 -29.85 6.58 15.45
CA ILE L 31 -29.43 6.28 16.82
C ILE L 31 -29.34 7.54 17.72
N GLY L 32 -29.42 8.72 17.10
CA GLY L 32 -29.46 9.97 17.86
C GLY L 32 -28.11 10.55 18.22
N SER L 33 -27.04 9.81 17.93
CA SER L 33 -25.68 10.23 18.30
C SER L 33 -25.30 11.62 17.77
N ASP L 34 -24.73 12.45 18.64
CA ASP L 34 -24.15 13.73 18.24
C ASP L 34 -23.02 13.42 17.22
N PRO L 35 -23.09 14.00 15.99
CA PRO L 35 -22.01 13.82 14.97
C PRO L 35 -20.57 13.90 15.49
N LYS L 36 -20.32 14.75 16.48
CA LYS L 36 -18.93 14.96 16.90
C LYS L 36 -18.34 13.75 17.65
N ILE L 37 -19.22 12.86 18.14
CA ILE L 37 -18.77 11.62 18.81
C ILE L 37 -18.98 10.39 17.91
N ILE L 38 -19.34 10.63 16.64
CA ILE L 38 -19.42 9.54 15.69
C ILE L 38 -18.07 9.41 14.96
N ASN L 39 -17.40 8.28 15.16
CA ASN L 39 -16.08 8.06 14.53
C ASN L 39 -16.23 7.06 13.42
N VAL L 40 -15.68 7.38 12.25
CA VAL L 40 -15.82 6.49 11.09
C VAL L 40 -14.43 6.19 10.52
N LEU L 41 -14.16 4.92 10.30
CA LEU L 41 -12.98 4.48 9.60
C LEU L 41 -13.38 3.69 8.34
N LEU L 42 -12.87 4.14 7.20
CA LEU L 42 -13.04 3.41 5.96
C LEU L 42 -11.74 2.66 5.60
N VAL L 43 -11.81 1.33 5.49
CA VAL L 43 -10.64 0.52 5.15
C VAL L 43 -10.87 -0.18 3.81
N GLU L 44 -9.90 -0.02 2.91
CA GLU L 44 -9.98 -0.58 1.55
C GLU L 44 -9.13 -1.84 1.38
N HIS L 45 -9.71 -2.87 0.78
CA HIS L 45 -8.98 -4.14 0.61
C HIS L 45 -8.99 -4.63 -0.83
N ALA L 46 -7.98 -5.44 -1.17
CA ALA L 46 -7.94 -6.16 -2.45
C ALA L 46 -9.06 -7.18 -2.36
N GLU L 47 -9.83 -7.33 -3.43
CA GLU L 47 -10.86 -8.36 -3.44
C GLU L 47 -10.38 -9.77 -3.06
N ALA L 48 -9.12 -10.12 -3.39
CA ALA L 48 -8.58 -11.44 -3.04
C ALA L 48 -8.60 -11.70 -1.54
N ASN L 49 -8.57 -10.63 -0.77
CA ASN L 49 -8.44 -10.70 0.70
C ASN L 49 -9.77 -10.71 1.44
N MET L 50 -10.87 -10.61 0.70
CA MET L 50 -12.20 -10.70 1.28
C MET L 50 -12.99 -11.87 0.74
N SER L 51 -13.65 -12.61 1.64
CA SER L 51 -14.63 -13.62 1.23
C SER L 51 -15.97 -13.25 1.84
N ILE L 52 -16.96 -13.03 0.97
CA ILE L 52 -18.34 -12.85 1.37
C ILE L 52 -19.13 -14.13 1.16
N SER L 53 -19.76 -14.59 2.25
CA SER L 53 -20.54 -15.81 2.24
C SER L 53 -19.71 -16.98 1.71
N GLY L 54 -18.47 -17.14 2.20
CA GLY L 54 -17.66 -18.30 1.78
C GLY L 54 -17.17 -18.29 0.33
N ARG L 55 -17.49 -17.23 -0.41
CA ARG L 55 -17.04 -17.10 -1.81
C ARG L 55 -15.55 -16.75 -1.91
N ILE L 56 -14.82 -17.44 -2.80
CA ILE L 56 -13.43 -17.10 -3.08
C ILE L 56 -13.37 -16.21 -4.32
N HIS L 57 -12.73 -15.06 -4.19
CA HIS L 57 -12.63 -14.13 -5.32
C HIS L 57 -11.98 -14.82 -6.54
N GLY L 58 -12.61 -14.68 -7.70
CA GLY L 58 -12.13 -15.30 -8.94
C GLY L 58 -12.71 -16.68 -9.21
S SO4 M . 33.18 19.75 -19.03
O1 SO4 M . 34.47 19.05 -19.18
O2 SO4 M . 32.87 20.08 -17.63
O3 SO4 M . 33.26 20.99 -19.79
O4 SO4 M . 32.13 18.89 -19.54
#